data_8YH0
#
_entry.id   8YH0
#
_cell.length_a   1.00
_cell.length_b   1.00
_cell.length_c   1.00
_cell.angle_alpha   90.00
_cell.angle_beta   90.00
_cell.angle_gamma   90.00
#
_symmetry.space_group_name_H-M   'P 1'
#
loop_
_entity.id
_entity.type
_entity.pdbx_description
1 polymer 'HA tag,Adenosine receptor A3,LgBiT,eGFP chimera'
2 polymer 'Guanine nucleotide-binding protein G(I)/G(S)/G(O) subunit gamma-2,Guanine nucleotide-binding protein G(i) subunit alpha-1'
3 polymer 'Guanine nucleotide-binding protein G(I)/G(S)/G(T) subunit beta-1'
4 polymer scfv16
5 non-polymer "N-ETHYL-5'-CARBOXAMIDO ADENOSINE"
#
loop_
_entity_poly.entity_id
_entity_poly.type
_entity_poly.pdbx_seq_one_letter_code
_entity_poly.pdbx_strand_id
1 'polypeptide(L)'
;MKTIIALSYIFCLVFADYKDDDDAMGPVNSTAVSWTSVTYITVEILIGLCAIVGNVLVIWVVKLNPSLQTTTFYFIVSLA
LADIAVGVLVMPLAIVISLGVTIHFYSCLFMTCLMLIFTHASIMSLLAIAVDRYLRVKLTVRYRRVTTQRRIWLALGLCW
LVSFLVGLTPMFGWNMKLSSADENLTFLPCRFRSVMRMDYMVYFSFFLWILVPLVVMCAIYFDIFYIIRNRLSQSFSGSR
ETGAFYGREFKTAKSLLLVLFLFALCWLPLSIINCILYFDGQVPQTVLYLGILLSHANSMMNPIVYAYKIKKFKETYLLI
LKACVICQPSKSMDPSTEQTSEGSGGGGSGGSSSGGVFTLEDFVGDWEQTAAYNLDQVLEQGGVSSLLQNLAVSVTPIQR
IVRSGENALKIDIHVIIPYEGLSADQMAQIEEVFKVVYPVDDHHFKVILPYGTLVIDGVTPNMLNYFGRPYEGIAVFDGK
KITVTGTLWNGNKIIDERLITPDGSMLFRVTINSGGSGGGGSGGSSSGGLEVLFQGPGSAAAAVSKGEELFTGVVPILVE
LDGDVNGHKFSVSGEGEGDATYGKLTLKFICTTGKLPVPWPTLVTTLTYGVQCFSRYPDHMKQHDFFKSAMPEGYVQERT
IFFKDDGNYKTRAEVKFEGDTLVNRIELKGIDFKEDGNILGHKLEYNYNSHNVYIMADKQKNGIKVNFKIRHNIEDGSVQ
LADHYQQNTPIGDGPVLLPDNHYLSTQSKLSKDPNEKRDHMVLLEFVTAAGITLGMDELYKSGLRSHHHHHHHH
;
R
2 'polypeptide(L)'
;MASNNTASIAQARKLVEQLKMEANIDRIKVSKAAADLMAYCEAHAKEDPLLTPVPASENPFREKKFFCAILGSAGSAGSA
MCTLSAEDKAAVERSKMIDRNLREDGEKAAREVKLLLLGAGESGKSTIVKQMKIIHEAGYSEEECKQYKAVVYSNTIQSI
IAIIRAMGRLKIDFGDSARADDARQLFVLAGAAEEGFMTAELAGVIKRLWKDSGVQACFNRSREYQLNDSAAYYLNDLDR
IAQPNYIPTQQDVLRTRVKTTGIVETHFTFKDLHFKMFDVGGQRSERKKWIHCFEGVTAIIFCVALSDYDLVLAEDEEMN
RMHESMKLFDSICNNKWFTDTSIILFLNKKDLFEEKIKKSPLTICYPEYAGSNTYEEAAAYIQCQFEDLNKRKDTKEIYT
HFTCATDTKNVQFVFDAVTDVIIKNNLKDCGLF
;
A,G
3 'polypeptide(L)'
;MGSLLQSELDQLRQEAEQLKNQIRDARKACADATLSQITNNIDPVGRIQMRTRRTLRGHLAKIYAMHWGTDSRLLVSASQ
DGKLIIWDSYTTNKVHAIPLRSSWVMTCAYAPSGNYVACGGLDNICSIYNLKTREGNVRVSRELAGHTGYLSCCRFLDDN
QIVTSSGDTTCALWDIETGQQTTTFTGHTGDVMSLSLAPDTRLFVSGACDASAKLWDVREGMCRQTFTGHESDINAICFF
PNGNAFATGSDDATCRLFDLRADQELMTYSHDNIICGITSVSFSKSGRLLLAGYDDFNCNVWDALKADRAGVLAGHDNRV
SCLGVTDDGMAVATGSWDSFLKIWNGASGGGSGGNSGSSGGSSGVSGWRLFKKIS
;
B
4 'polypeptide(L)'
;DVQLVESGGGLVQPGGSRKLSCSASGFAFSSFGMHWVRQAPEKGLEWVAYISSGSGTIYYADTVKGRFTISRDDPKNTLF
LQMTSLRSEDTAMYYCVRSIYYYGSSPFDFWGQGTTLTVSSGGGGSGGGGSGGGGSDIVMTQATSSVPVTPGESVSISCR
SSKSLLHSNGNTYLYWFLQRPGQSPQLLIYRMSNLASGVPDRFSGSGSGTAFTLTISRLEAEDVGVYYCMQHLEYPLTFG
AGTKLELKAAAASSEDLYFQ
;
S
#
loop_
_chem_comp.id
_chem_comp.type
_chem_comp.name
_chem_comp.formula
NEC non-polymer 'N-ETHYL-5'-CARBOXAMIDO ADENOSINE' 'C12 H16 N6 O4'
#
# COMPACT_ATOMS: atom_id res chain seq x y z
N SER A 34 -22.35 43.07 -36.33
CA SER A 34 -22.03 42.66 -37.71
C SER A 34 -21.99 41.14 -37.84
N TRP A 35 -21.93 40.64 -39.08
CA TRP A 35 -21.86 39.20 -39.29
C TRP A 35 -20.57 38.64 -38.73
N THR A 36 -19.46 39.36 -38.91
CA THR A 36 -18.17 38.88 -38.44
C THR A 36 -18.18 38.70 -36.93
N SER A 37 -18.74 39.67 -36.20
CA SER A 37 -18.79 39.58 -34.75
C SER A 37 -19.58 38.37 -34.29
N VAL A 38 -20.74 38.14 -34.90
CA VAL A 38 -21.58 37.01 -34.51
C VAL A 38 -20.87 35.70 -34.79
N THR A 39 -20.25 35.59 -35.97
CA THR A 39 -19.54 34.37 -36.33
C THR A 39 -18.39 34.12 -35.37
N TYR A 40 -17.64 35.17 -35.03
CA TYR A 40 -16.52 35.04 -34.11
C TYR A 40 -17.00 34.57 -32.74
N ILE A 41 -18.08 35.18 -32.24
CA ILE A 41 -18.60 34.81 -30.93
C ILE A 41 -19.04 33.35 -30.92
N THR A 42 -19.76 32.93 -31.97
CA THR A 42 -20.26 31.56 -32.03
C THR A 42 -19.10 30.56 -32.06
N VAL A 43 -18.13 30.81 -32.94
CA VAL A 43 -17.00 29.88 -33.05
C VAL A 43 -16.22 29.85 -31.75
N GLU A 44 -16.04 31.01 -31.12
CA GLU A 44 -15.30 31.09 -29.86
C GLU A 44 -15.98 30.28 -28.78
N ILE A 45 -17.30 30.45 -28.63
CA ILE A 45 -18.01 29.75 -27.58
C ILE A 45 -17.98 28.25 -27.83
N LEU A 46 -18.19 27.84 -29.08
CA LEU A 46 -18.16 26.40 -29.39
C LEU A 46 -16.78 25.82 -29.08
N ILE A 47 -15.71 26.52 -29.48
CA ILE A 47 -14.37 26.02 -29.27
C ILE A 47 -14.05 25.93 -27.78
N GLY A 48 -14.45 26.95 -27.01
CA GLY A 48 -14.21 26.92 -25.58
C GLY A 48 -14.96 25.78 -24.90
N LEU A 49 -16.20 25.55 -25.30
CA LEU A 49 -16.96 24.44 -24.74
C LEU A 49 -16.28 23.12 -25.06
N CYS A 50 -15.79 22.96 -26.29
CA CYS A 50 -15.09 21.75 -26.68
C CYS A 50 -13.84 21.55 -25.82
N ALA A 51 -13.09 22.63 -25.62
CA ALA A 51 -11.87 22.55 -24.80
C ALA A 51 -12.21 22.12 -23.38
N ILE A 52 -13.24 22.72 -22.80
CA ILE A 52 -13.63 22.38 -21.43
C ILE A 52 -14.04 20.93 -21.35
N VAL A 53 -14.84 20.47 -22.32
CA VAL A 53 -15.31 19.08 -22.29
C VAL A 53 -14.15 18.12 -22.39
N GLY A 54 -13.24 18.37 -23.33
CA GLY A 54 -12.10 17.49 -23.51
C GLY A 54 -11.21 17.42 -22.28
N ASN A 55 -10.89 18.58 -21.70
CA ASN A 55 -10.02 18.59 -20.54
C ASN A 55 -10.70 17.96 -19.33
N VAL A 56 -12.00 18.16 -19.18
CA VAL A 56 -12.73 17.54 -18.08
C VAL A 56 -12.71 16.02 -18.24
N LEU A 57 -12.88 15.54 -19.48
CA LEU A 57 -12.81 14.10 -19.72
C LEU A 57 -11.41 13.57 -19.38
N VAL A 58 -10.38 14.33 -19.74
CA VAL A 58 -9.01 13.90 -19.44
C VAL A 58 -8.82 13.78 -17.93
N ILE A 59 -9.28 14.79 -17.19
CA ILE A 59 -9.13 14.79 -15.74
C ILE A 59 -9.90 13.61 -15.13
N TRP A 60 -11.13 13.39 -15.60
CA TRP A 60 -11.93 12.28 -15.12
C TRP A 60 -11.20 10.96 -15.32
N VAL A 61 -10.67 10.75 -16.53
CA VAL A 61 -9.97 9.51 -16.85
C VAL A 61 -8.77 9.34 -15.94
N VAL A 62 -7.98 10.41 -15.77
CA VAL A 62 -6.76 10.29 -14.98
C VAL A 62 -7.08 9.97 -13.53
N LYS A 63 -8.06 10.67 -12.95
CA LYS A 63 -8.39 10.45 -11.54
C LYS A 63 -9.05 9.10 -11.30
N LEU A 64 -9.82 8.59 -12.25
CA LEU A 64 -10.51 7.32 -12.03
C LEU A 64 -9.52 6.17 -11.85
N ASN A 65 -8.43 6.15 -12.62
CA ASN A 65 -7.48 5.06 -12.58
C ASN A 65 -6.24 5.49 -11.80
N PRO A 66 -5.98 4.92 -10.62
CA PRO A 66 -4.73 5.27 -9.90
C PRO A 66 -3.47 4.92 -10.66
N SER A 67 -3.53 4.00 -11.62
CA SER A 67 -2.36 3.66 -12.41
C SER A 67 -1.90 4.81 -13.30
N LEU A 68 -2.76 5.81 -13.52
CA LEU A 68 -2.45 6.94 -14.37
C LEU A 68 -2.05 8.17 -13.58
N GLN A 69 -1.32 7.98 -12.47
CA GLN A 69 -0.96 9.08 -11.58
C GLN A 69 0.54 9.17 -11.40
N THR A 70 1.28 9.15 -12.50
CA THR A 70 2.73 9.25 -12.47
C THR A 70 3.19 10.55 -13.13
N THR A 71 4.50 10.70 -13.32
CA THR A 71 5.09 11.97 -13.76
C THR A 71 4.46 12.48 -15.05
N THR A 72 4.41 11.64 -16.08
CA THR A 72 3.84 12.06 -17.36
C THR A 72 2.40 12.52 -17.17
N PHE A 73 1.64 11.79 -16.36
CA PHE A 73 0.26 12.18 -16.11
C PHE A 73 0.16 13.41 -15.21
N TYR A 74 1.14 13.64 -14.34
CA TYR A 74 1.19 14.91 -13.61
C TYR A 74 1.28 16.07 -14.60
N PHE A 75 2.22 15.98 -15.56
CA PHE A 75 2.35 17.03 -16.55
C PHE A 75 1.09 17.16 -17.39
N ILE A 76 0.49 16.03 -17.78
CA ILE A 76 -0.69 16.06 -18.61
C ILE A 76 -1.86 16.71 -17.89
N VAL A 77 -2.05 16.41 -16.60
CA VAL A 77 -3.14 17.03 -15.86
C VAL A 77 -2.87 18.50 -15.62
N SER A 78 -1.61 18.89 -15.44
CA SER A 78 -1.30 20.32 -15.35
C SER A 78 -1.72 21.04 -16.63
N LEU A 79 -1.38 20.44 -17.77
CA LEU A 79 -1.82 20.99 -19.05
C LEU A 79 -3.34 21.01 -19.14
N ALA A 80 -3.99 19.98 -18.62
CA ALA A 80 -5.45 19.92 -18.66
C ALA A 80 -6.08 21.06 -17.87
N LEU A 81 -5.55 21.33 -16.67
CA LEU A 81 -6.05 22.47 -15.90
C LEU A 81 -5.77 23.78 -16.60
N ALA A 82 -4.60 23.92 -17.22
CA ALA A 82 -4.31 25.13 -17.98
C ALA A 82 -5.32 25.34 -19.09
N ASP A 83 -5.66 24.26 -19.80
CA ASP A 83 -6.62 24.36 -20.90
C ASP A 83 -8.05 24.60 -20.39
N ILE A 84 -8.41 24.03 -19.25
CA ILE A 84 -9.70 24.35 -18.64
C ILE A 84 -9.78 25.82 -18.30
N ALA A 85 -8.71 26.39 -17.75
CA ALA A 85 -8.68 27.83 -17.50
C ALA A 85 -8.75 28.65 -18.78
N VAL A 86 -8.06 28.22 -19.84
CA VAL A 86 -8.11 28.90 -21.13
C VAL A 86 -9.47 28.76 -21.81
N GLY A 87 -10.27 27.77 -21.42
CA GLY A 87 -11.57 27.58 -22.03
C GLY A 87 -12.72 28.15 -21.24
N VAL A 88 -12.55 28.28 -19.92
CA VAL A 88 -13.67 28.68 -19.06
C VAL A 88 -13.70 30.20 -18.88
N LEU A 89 -12.56 30.82 -18.60
CA LEU A 89 -12.49 32.25 -18.39
C LEU A 89 -12.10 33.01 -19.66
N VAL A 90 -11.06 32.54 -20.36
CA VAL A 90 -10.56 33.26 -21.51
C VAL A 90 -11.60 33.34 -22.62
N MET A 91 -12.54 32.41 -22.69
CA MET A 91 -13.57 32.44 -23.71
C MET A 91 -14.57 33.56 -23.43
N PRO A 92 -15.29 33.53 -22.31
CA PRO A 92 -16.15 34.69 -22.00
C PRO A 92 -15.38 35.99 -21.96
N LEU A 93 -14.14 35.96 -21.47
CA LEU A 93 -13.35 37.18 -21.42
C LEU A 93 -13.08 37.72 -22.82
N ALA A 94 -12.73 36.84 -23.77
CA ALA A 94 -12.53 37.29 -25.14
C ALA A 94 -13.81 37.85 -25.74
N ILE A 95 -14.94 37.19 -25.51
CA ILE A 95 -16.21 37.71 -26.00
C ILE A 95 -16.44 39.11 -25.42
N VAL A 96 -16.19 39.29 -24.13
CA VAL A 96 -16.42 40.59 -23.50
C VAL A 96 -15.50 41.64 -24.10
N ILE A 97 -14.22 41.29 -24.29
CA ILE A 97 -13.27 42.21 -24.88
C ILE A 97 -13.68 42.65 -26.28
N SER A 98 -14.22 41.73 -27.08
CA SER A 98 -14.65 42.06 -28.44
C SER A 98 -15.77 43.09 -28.45
N LEU A 99 -16.72 42.95 -27.52
CA LEU A 99 -17.90 43.82 -27.49
C LEU A 99 -17.52 45.27 -27.21
N GLY A 100 -16.45 45.48 -26.45
CA GLY A 100 -16.01 46.84 -26.16
C GLY A 100 -16.96 47.64 -25.30
N VAL A 101 -17.50 47.04 -24.24
CA VAL A 101 -18.39 47.76 -23.33
C VAL A 101 -17.58 48.75 -22.50
N THR A 102 -18.22 49.83 -22.07
CA THR A 102 -17.58 50.86 -21.27
C THR A 102 -17.41 50.35 -19.85
N ILE A 103 -16.24 49.76 -19.57
CA ILE A 103 -16.06 49.06 -18.29
C ILE A 103 -14.78 49.48 -17.57
N HIS A 104 -14.34 50.71 -17.77
CA HIS A 104 -13.19 51.23 -17.02
C HIS A 104 -11.89 50.59 -17.46
N PHE A 105 -10.79 51.33 -17.32
CA PHE A 105 -9.48 50.88 -17.78
C PHE A 105 -8.98 49.64 -17.05
N TYR A 106 -8.98 49.67 -15.72
CA TYR A 106 -8.32 48.63 -14.93
C TYR A 106 -9.04 47.31 -14.94
N SER A 107 -10.37 47.28 -14.99
CA SER A 107 -11.07 46.01 -15.16
C SER A 107 -10.70 45.36 -16.48
N CYS A 108 -10.64 46.15 -17.55
CA CYS A 108 -10.23 45.64 -18.86
C CYS A 108 -8.81 45.09 -18.81
N LEU A 109 -7.90 45.84 -18.17
CA LEU A 109 -6.53 45.35 -18.04
C LEU A 109 -6.49 44.05 -17.26
N PHE A 110 -7.34 43.92 -16.24
CA PHE A 110 -7.41 42.68 -15.46
C PHE A 110 -7.86 41.52 -16.34
N MET A 111 -8.89 41.73 -17.18
CA MET A 111 -9.33 40.66 -18.06
C MET A 111 -8.23 40.24 -19.02
N THR A 112 -7.55 41.22 -19.61
CA THR A 112 -6.47 40.90 -20.54
C THR A 112 -5.35 40.13 -19.84
N CYS A 113 -5.01 40.54 -18.62
CA CYS A 113 -3.94 39.85 -17.90
C CYS A 113 -4.35 38.43 -17.53
N LEU A 114 -5.63 38.22 -17.19
CA LEU A 114 -6.09 36.86 -16.95
C LEU A 114 -5.94 36.01 -18.20
N MET A 115 -6.34 36.55 -19.35
CA MET A 115 -6.16 35.84 -20.61
C MET A 115 -4.70 35.45 -20.81
N LEU A 116 -3.80 36.41 -20.60
CA LEU A 116 -2.38 36.16 -20.82
C LEU A 116 -1.85 35.09 -19.88
N ILE A 117 -2.19 35.18 -18.59
CA ILE A 117 -1.66 34.21 -17.64
C ILE A 117 -2.12 32.80 -18.01
N PHE A 118 -3.40 32.65 -18.36
CA PHE A 118 -3.89 31.30 -18.63
C PHE A 118 -3.31 30.73 -19.92
N THR A 119 -3.24 31.54 -20.98
CA THR A 119 -2.64 31.03 -22.22
C THR A 119 -1.17 30.70 -22.04
N HIS A 120 -0.41 31.56 -21.35
CA HIS A 120 0.98 31.26 -21.10
C HIS A 120 1.13 30.03 -20.20
N ALA A 121 0.17 29.79 -19.31
CA ALA A 121 0.21 28.58 -18.50
C ALA A 121 0.06 27.33 -19.36
N SER A 122 -0.86 27.39 -20.33
CA SER A 122 -1.01 26.26 -21.25
C SER A 122 0.28 26.02 -22.04
N ILE A 123 0.89 27.10 -22.53
CA ILE A 123 2.14 26.97 -23.29
C ILE A 123 3.24 26.39 -22.41
N MET A 124 3.31 26.85 -21.16
CA MET A 124 4.33 26.34 -20.24
C MET A 124 4.11 24.86 -19.93
N SER A 125 2.84 24.44 -19.83
CA SER A 125 2.56 23.02 -19.63
C SER A 125 3.04 22.20 -20.82
N LEU A 126 2.81 22.70 -22.05
CA LEU A 126 3.33 22.00 -23.22
C LEU A 126 4.85 21.89 -23.16
N LEU A 127 5.52 23.00 -22.81
CA LEU A 127 6.97 22.98 -22.71
C LEU A 127 7.43 21.98 -21.65
N ALA A 128 6.71 21.91 -20.53
CA ALA A 128 7.08 20.98 -19.47
C ALA A 128 6.95 19.54 -19.94
N ILE A 129 5.89 19.23 -20.68
CA ILE A 129 5.73 17.89 -21.23
C ILE A 129 6.91 17.56 -22.15
N ALA A 130 7.28 18.52 -23.00
CA ALA A 130 8.39 18.30 -23.92
C ALA A 130 9.67 18.02 -23.15
N VAL A 131 9.94 18.81 -22.10
CA VAL A 131 11.17 18.63 -21.34
C VAL A 131 11.16 17.29 -20.60
N ASP A 132 10.00 16.89 -20.10
CA ASP A 132 9.90 15.59 -19.42
C ASP A 132 10.21 14.46 -20.39
N ARG A 133 9.66 14.53 -21.61
CA ARG A 133 9.97 13.51 -22.61
C ARG A 133 11.46 13.51 -22.93
N TYR A 134 12.06 14.68 -23.04
CA TYR A 134 13.49 14.77 -23.31
C TYR A 134 14.28 14.09 -22.21
N LEU A 135 13.93 14.36 -20.95
CA LEU A 135 14.64 13.75 -19.83
C LEU A 135 14.49 12.24 -19.87
N ARG A 136 13.28 11.74 -20.10
CA ARG A 136 13.06 10.31 -20.17
C ARG A 136 13.96 9.69 -21.24
N VAL A 137 14.01 10.31 -22.42
CA VAL A 137 14.78 9.75 -23.52
C VAL A 137 16.27 9.76 -23.17
N LYS A 138 16.76 10.87 -22.60
CA LYS A 138 18.20 11.08 -22.46
C LYS A 138 18.75 10.61 -21.13
N LEU A 139 17.94 10.53 -20.08
CA LEU A 139 18.44 10.06 -18.78
C LEU A 139 18.48 8.56 -18.66
N THR A 140 17.63 7.84 -19.40
CA THR A 140 17.66 6.38 -19.48
C THR A 140 17.34 5.81 -18.10
N VAL A 141 18.22 5.02 -17.49
CA VAL A 141 17.87 4.33 -16.24
C VAL A 141 17.77 5.31 -15.09
N ARG A 142 18.65 6.32 -15.06
CA ARG A 142 18.72 7.25 -13.94
C ARG A 142 17.55 8.23 -13.91
N TYR A 143 16.66 8.20 -14.91
CA TYR A 143 15.55 9.14 -14.95
C TYR A 143 14.73 9.06 -13.66
N ARG A 144 14.29 7.86 -13.27
CA ARG A 144 13.52 7.72 -12.06
C ARG A 144 14.31 8.12 -10.83
N ARG A 145 15.65 8.07 -10.88
CA ARG A 145 16.48 8.48 -9.76
C ARG A 145 16.68 9.99 -9.72
N VAL A 146 16.31 10.71 -10.78
CA VAL A 146 16.52 12.15 -10.83
C VAL A 146 15.18 12.85 -10.77
N THR A 147 14.12 12.19 -11.24
CA THR A 147 12.79 12.77 -11.30
C THR A 147 11.94 12.18 -10.17
N THR A 148 11.86 12.91 -9.07
CA THR A 148 11.02 12.54 -7.94
C THR A 148 9.78 13.42 -7.91
N GLN A 149 8.80 13.01 -7.09
CA GLN A 149 7.55 13.74 -7.04
C GLN A 149 7.77 15.19 -6.60
N ARG A 150 8.61 15.41 -5.60
CA ARG A 150 8.83 16.75 -5.09
C ARG A 150 9.32 17.67 -6.19
N ARG A 151 10.28 17.21 -6.99
CA ARG A 151 10.81 18.03 -8.06
C ARG A 151 9.75 18.26 -9.15
N ILE A 152 8.84 17.30 -9.33
CA ILE A 152 7.78 17.47 -10.32
C ILE A 152 6.83 18.59 -9.88
N TRP A 153 6.38 18.56 -8.63
CA TRP A 153 5.54 19.65 -8.16
C TRP A 153 6.29 20.97 -8.10
N LEU A 154 7.60 20.95 -7.88
CA LEU A 154 8.40 22.17 -7.88
C LEU A 154 8.57 22.76 -9.28
N ALA A 155 8.63 21.92 -10.30
CA ALA A 155 8.68 22.38 -11.68
C ALA A 155 7.32 22.89 -12.16
N LEU A 156 6.25 22.15 -11.85
CA LEU A 156 4.91 22.61 -12.22
C LEU A 156 4.58 23.94 -11.53
N GLY A 157 4.86 24.03 -10.23
CA GLY A 157 4.62 25.27 -9.53
C GLY A 157 5.45 26.41 -10.07
N LEU A 158 6.71 26.14 -10.43
CA LEU A 158 7.54 27.16 -11.04
C LEU A 158 6.96 27.63 -12.36
N CYS A 159 6.48 26.70 -13.19
CA CYS A 159 5.89 27.04 -14.47
C CYS A 159 4.69 27.95 -14.27
N TRP A 160 3.79 27.58 -13.34
CA TRP A 160 2.61 28.39 -13.12
C TRP A 160 2.95 29.75 -12.52
N LEU A 161 3.95 29.80 -11.64
CA LEU A 161 4.38 31.08 -11.09
C LEU A 161 4.93 32.00 -12.18
N VAL A 162 5.72 31.44 -13.09
CA VAL A 162 6.26 32.23 -14.19
C VAL A 162 5.14 32.71 -15.09
N SER A 163 4.14 31.86 -15.34
CA SER A 163 3.00 32.26 -16.16
C SER A 163 2.28 33.44 -15.51
N PHE A 164 2.02 33.34 -14.20
CA PHE A 164 1.36 34.43 -13.49
C PHE A 164 2.18 35.71 -13.57
N LEU A 165 3.49 35.60 -13.35
CA LEU A 165 4.36 36.77 -13.38
C LEU A 165 4.31 37.44 -14.75
N VAL A 166 4.48 36.65 -15.81
CA VAL A 166 4.51 37.20 -17.16
C VAL A 166 3.19 37.85 -17.51
N GLY A 167 2.08 37.22 -17.14
CA GLY A 167 0.78 37.76 -17.52
C GLY A 167 0.32 38.93 -16.68
N LEU A 168 0.81 39.04 -15.43
CA LEU A 168 0.45 40.16 -14.57
C LEU A 168 1.47 41.28 -14.58
N THR A 169 2.58 41.12 -15.31
CA THR A 169 3.54 42.21 -15.44
C THR A 169 2.91 43.52 -15.90
N PRO A 170 1.96 43.54 -16.85
CA PRO A 170 1.44 44.83 -17.32
C PRO A 170 0.87 45.71 -16.23
N MET A 171 0.30 45.13 -15.16
CA MET A 171 -0.26 45.93 -14.09
C MET A 171 0.79 46.74 -13.34
N PHE A 172 2.07 46.44 -13.52
CA PHE A 172 3.14 47.12 -12.80
C PHE A 172 3.81 48.21 -13.64
N GLY A 173 3.06 48.85 -14.54
CA GLY A 173 3.57 50.01 -15.25
C GLY A 173 3.43 49.94 -16.76
N TRP A 174 3.63 48.77 -17.35
CA TRP A 174 3.61 48.61 -18.81
C TRP A 174 2.15 48.42 -19.25
N ASN A 175 1.53 49.54 -19.64
CA ASN A 175 0.20 49.52 -20.20
C ASN A 175 -0.02 50.82 -20.96
N MET A 176 -1.16 50.91 -21.65
CA MET A 176 -1.44 52.08 -22.47
C MET A 176 -1.52 53.35 -21.62
N LYS A 177 -1.98 53.21 -20.37
CA LYS A 177 -2.12 54.38 -19.51
C LYS A 177 -0.81 55.12 -19.35
N LEU A 178 0.32 54.41 -19.37
CA LEU A 178 1.62 55.05 -19.21
C LEU A 178 1.93 56.01 -20.35
N SER A 179 1.27 55.87 -21.50
CA SER A 179 1.52 56.73 -22.65
C SER A 179 0.38 57.69 -22.96
N SER A 180 -0.80 57.46 -22.41
CA SER A 180 -1.95 58.32 -22.69
C SER A 180 -1.73 59.70 -22.07
N ALA A 181 -2.03 60.75 -22.85
CA ALA A 181 -1.91 62.11 -22.35
C ALA A 181 -3.11 62.54 -21.52
N ASP A 182 -4.22 61.79 -21.58
CA ASP A 182 -5.41 62.11 -20.81
C ASP A 182 -5.41 61.28 -19.54
N GLU A 183 -4.71 61.78 -18.53
CA GLU A 183 -4.60 61.08 -17.25
C GLU A 183 -5.92 61.06 -16.48
N ASN A 184 -6.92 61.84 -16.90
CA ASN A 184 -8.19 61.90 -16.21
C ASN A 184 -9.23 60.93 -16.77
N LEU A 185 -8.86 60.09 -17.74
CA LEU A 185 -9.80 59.16 -18.35
C LEU A 185 -9.96 57.95 -17.44
N THR A 186 -11.17 57.76 -16.91
CA THR A 186 -11.46 56.66 -16.00
C THR A 186 -12.30 55.56 -16.65
N PHE A 187 -13.37 55.92 -17.35
CA PHE A 187 -14.25 54.96 -18.00
C PHE A 187 -14.02 54.99 -19.51
N LEU A 188 -13.92 53.82 -20.11
CA LEU A 188 -13.72 53.70 -21.55
C LEU A 188 -14.24 52.37 -22.01
N PRO A 189 -14.52 52.22 -23.32
CA PRO A 189 -14.86 50.91 -23.86
C PRO A 189 -13.64 50.00 -23.88
N CYS A 190 -13.82 48.78 -23.38
CA CYS A 190 -12.72 47.86 -23.17
C CYS A 190 -12.33 47.19 -24.49
N ARG A 191 -11.23 47.64 -25.09
CA ARG A 191 -10.66 47.02 -26.27
C ARG A 191 -9.25 46.57 -25.94
N PHE A 192 -8.89 45.36 -26.38
CA PHE A 192 -7.60 44.80 -26.04
C PHE A 192 -6.47 45.74 -26.43
N ARG A 193 -6.63 46.45 -27.55
CA ARG A 193 -5.61 47.39 -28.00
C ARG A 193 -5.64 48.71 -27.24
N SER A 194 -6.68 48.96 -26.43
CA SER A 194 -6.78 50.19 -25.67
C SER A 194 -6.11 50.11 -24.31
N VAL A 195 -5.69 48.92 -23.86
CA VAL A 195 -5.07 48.73 -22.57
C VAL A 195 -3.69 48.10 -22.67
N MET A 196 -3.55 47.07 -23.50
CA MET A 196 -2.30 46.32 -23.61
C MET A 196 -1.45 46.93 -24.72
N ARG A 197 -0.29 47.47 -24.35
CA ARG A 197 0.64 47.97 -25.35
C ARG A 197 1.09 46.83 -26.26
N MET A 198 1.03 47.07 -27.57
CA MET A 198 1.40 46.03 -28.51
C MET A 198 2.88 45.67 -28.40
N ASP A 199 3.72 46.62 -28.00
CA ASP A 199 5.13 46.33 -27.83
C ASP A 199 5.35 45.26 -26.75
N TYR A 200 4.56 45.29 -25.68
CA TYR A 200 4.64 44.25 -24.67
C TYR A 200 4.30 42.89 -25.26
N MET A 201 3.19 42.81 -26.00
CA MET A 201 2.77 41.55 -26.59
C MET A 201 3.75 41.03 -27.63
N VAL A 202 4.52 41.92 -28.26
CA VAL A 202 5.42 41.51 -29.33
C VAL A 202 6.78 41.13 -28.76
N TYR A 203 7.45 42.08 -28.11
CA TYR A 203 8.81 41.84 -27.66
C TYR A 203 8.88 40.94 -26.43
N PHE A 204 7.92 41.07 -25.52
CA PHE A 204 7.98 40.32 -24.26
C PHE A 204 7.19 39.01 -24.34
N SER A 205 5.90 39.09 -24.64
CA SER A 205 5.07 37.90 -24.63
C SER A 205 5.47 36.93 -25.72
N PHE A 206 5.31 37.33 -26.98
CA PHE A 206 5.55 36.42 -28.10
C PHE A 206 7.00 35.98 -28.24
N PHE A 207 7.95 36.92 -28.25
CA PHE A 207 9.34 36.59 -28.54
C PHE A 207 10.02 35.84 -27.41
N LEU A 208 9.48 35.90 -26.19
CA LEU A 208 10.16 35.34 -25.03
C LEU A 208 9.43 34.15 -24.44
N TRP A 209 8.10 34.09 -24.54
CA TRP A 209 7.30 33.08 -23.87
C TRP A 209 6.39 32.30 -24.82
N ILE A 210 6.46 32.58 -26.12
CA ILE A 210 5.70 31.82 -27.11
C ILE A 210 6.67 31.25 -28.13
N LEU A 211 7.59 32.09 -28.62
CA LEU A 211 8.55 31.64 -29.61
C LEU A 211 9.62 30.75 -28.99
N VAL A 212 10.12 31.12 -27.82
CA VAL A 212 11.20 30.37 -27.17
C VAL A 212 10.71 28.96 -26.84
N PRO A 213 9.52 28.79 -26.24
CA PRO A 213 9.01 27.44 -26.05
C PRO A 213 8.92 26.65 -27.35
N LEU A 214 8.48 27.29 -28.43
CA LEU A 214 8.34 26.59 -29.69
C LEU A 214 9.70 26.09 -30.22
N VAL A 215 10.71 26.96 -30.19
CA VAL A 215 12.02 26.58 -30.70
C VAL A 215 12.62 25.47 -29.86
N VAL A 216 12.50 25.59 -28.53
CA VAL A 216 13.11 24.59 -27.66
C VAL A 216 12.40 23.26 -27.81
N MET A 217 11.06 23.26 -27.94
CA MET A 217 10.35 22.02 -28.20
C MET A 217 10.75 21.42 -29.54
N CYS A 218 10.95 22.27 -30.55
CA CYS A 218 11.41 21.78 -31.85
C CYS A 218 12.73 21.03 -31.71
N ALA A 219 13.70 21.67 -31.04
CA ALA A 219 15.01 21.04 -30.87
C ALA A 219 14.89 19.76 -30.05
N ILE A 220 14.09 19.80 -28.98
CA ILE A 220 13.91 18.63 -28.12
C ILE A 220 13.36 17.45 -28.91
N TYR A 221 12.31 17.71 -29.70
CA TYR A 221 11.68 16.61 -30.44
C TYR A 221 12.59 16.10 -31.56
N PHE A 222 13.35 16.99 -32.20
CA PHE A 222 14.31 16.53 -33.19
C PHE A 222 15.34 15.61 -32.56
N ASP A 223 15.87 16.01 -31.41
CA ASP A 223 16.86 15.18 -30.72
C ASP A 223 16.25 13.86 -30.26
N ILE A 224 15.00 13.89 -29.79
CA ILE A 224 14.33 12.68 -29.34
C ILE A 224 14.18 11.71 -30.49
N PHE A 225 13.74 12.21 -31.65
CA PHE A 225 13.60 11.36 -32.82
C PHE A 225 14.95 10.79 -33.25
N TYR A 226 15.99 11.62 -33.22
CA TYR A 226 17.32 11.13 -33.57
C TYR A 226 17.74 9.99 -32.65
N ILE A 227 17.55 10.17 -31.35
CA ILE A 227 17.98 9.16 -30.38
C ILE A 227 17.19 7.87 -30.56
N ILE A 228 15.87 7.99 -30.70
CA ILE A 228 15.04 6.79 -30.80
C ILE A 228 15.35 6.05 -32.10
N ARG A 229 15.63 6.78 -33.18
CA ARG A 229 16.02 6.13 -34.43
C ARG A 229 17.36 5.43 -34.26
N ASN A 230 18.33 6.07 -33.61
CA ASN A 230 19.64 5.45 -33.40
C ASN A 230 19.53 4.20 -32.53
N ARG A 231 18.61 4.18 -31.57
CA ARG A 231 18.43 3.02 -30.72
C ARG A 231 17.74 1.87 -31.46
N LEU A 232 16.65 2.16 -32.17
CA LEU A 232 15.93 1.14 -32.91
C LEU A 232 16.75 0.64 -34.10
N GLU A 249 9.33 3.27 -36.28
CA GLU A 249 9.86 4.51 -35.71
C GLU A 249 9.13 5.73 -36.29
N PHE A 250 8.36 5.51 -37.35
CA PHE A 250 7.66 6.62 -37.99
C PHE A 250 6.42 7.03 -37.22
N LYS A 251 5.91 6.17 -36.34
CA LYS A 251 4.77 6.55 -35.50
C LYS A 251 5.17 7.68 -34.54
N THR A 252 6.34 7.54 -33.91
CA THR A 252 6.83 8.58 -33.02
C THR A 252 7.06 9.88 -33.78
N ALA A 253 7.63 9.78 -34.98
CA ALA A 253 7.85 10.96 -35.81
C ALA A 253 6.52 11.64 -36.15
N LYS A 254 5.51 10.84 -36.49
CA LYS A 254 4.19 11.38 -36.79
C LYS A 254 3.62 12.13 -35.59
N SER A 255 3.73 11.52 -34.40
CA SER A 255 3.19 12.15 -33.20
C SER A 255 3.90 13.46 -32.91
N LEU A 256 5.24 13.46 -32.98
CA LEU A 256 6.01 14.67 -32.70
C LEU A 256 5.69 15.77 -33.71
N LEU A 257 5.58 15.39 -34.98
CA LEU A 257 5.23 16.38 -36.01
C LEU A 257 3.84 16.93 -35.77
N LEU A 258 2.89 16.08 -35.39
CA LEU A 258 1.54 16.55 -35.10
C LEU A 258 1.58 17.59 -33.98
N VAL A 259 2.29 17.28 -32.90
CA VAL A 259 2.40 18.18 -31.76
C VAL A 259 2.97 19.53 -32.20
N LEU A 260 4.15 19.48 -32.82
CA LEU A 260 4.84 20.71 -33.18
C LEU A 260 4.02 21.53 -34.17
N PHE A 261 3.43 20.86 -35.17
CA PHE A 261 2.66 21.55 -36.18
C PHE A 261 1.43 22.21 -35.57
N LEU A 262 0.72 21.51 -34.70
CA LEU A 262 -0.45 22.12 -34.07
C LEU A 262 -0.05 23.36 -33.27
N PHE A 263 0.97 23.23 -32.43
CA PHE A 263 1.36 24.36 -31.60
C PHE A 263 1.76 25.56 -32.46
N ALA A 264 2.65 25.33 -33.44
CA ALA A 264 3.11 26.44 -34.27
C ALA A 264 1.97 27.04 -35.08
N LEU A 265 1.19 26.20 -35.76
CA LEU A 265 0.11 26.70 -36.59
C LEU A 265 -0.90 27.49 -35.79
N CYS A 266 -1.11 27.14 -34.53
CA CYS A 266 -2.13 27.82 -33.75
C CYS A 266 -1.61 28.98 -32.90
N TRP A 267 -0.30 29.14 -32.78
CA TRP A 267 0.22 30.27 -32.01
C TRP A 267 0.99 31.28 -32.84
N LEU A 268 1.45 30.93 -34.03
CA LEU A 268 2.20 31.86 -34.87
C LEU A 268 1.29 32.85 -35.59
N PRO A 269 0.11 32.43 -36.09
CA PRO A 269 -0.75 33.38 -36.81
C PRO A 269 -1.09 34.64 -36.01
N LEU A 270 -1.65 34.47 -34.81
CA LEU A 270 -2.02 35.64 -34.02
C LEU A 270 -0.81 36.44 -33.59
N SER A 271 0.32 35.77 -33.34
CA SER A 271 1.54 36.48 -32.98
C SER A 271 2.01 37.36 -34.12
N ILE A 272 1.98 36.85 -35.35
CA ILE A 272 2.37 37.67 -36.51
C ILE A 272 1.35 38.78 -36.74
N ILE A 273 0.07 38.50 -36.46
CA ILE A 273 -0.95 39.53 -36.56
C ILE A 273 -0.60 40.70 -35.63
N ASN A 274 -0.27 40.38 -34.39
CA ASN A 274 0.12 41.41 -33.43
C ASN A 274 1.40 42.12 -33.88
N CYS A 275 2.36 41.36 -34.40
CA CYS A 275 3.61 41.97 -34.85
C CYS A 275 3.36 42.99 -35.96
N ILE A 276 2.49 42.65 -36.90
CA ILE A 276 2.16 43.59 -37.97
C ILE A 276 1.39 44.77 -37.43
N LEU A 277 0.42 44.52 -36.54
CA LEU A 277 -0.33 45.60 -35.93
C LEU A 277 0.54 46.54 -35.11
N TYR A 278 1.71 46.08 -34.67
CA TYR A 278 2.62 46.90 -33.90
C TYR A 278 3.55 47.75 -34.76
N PHE A 279 3.85 47.30 -35.98
CA PHE A 279 4.75 48.00 -36.88
C PHE A 279 4.02 48.97 -37.81
N ASP A 280 2.87 49.49 -37.37
CA ASP A 280 2.08 50.49 -38.09
C ASP A 280 1.29 49.90 -39.25
N GLY A 281 1.22 48.58 -39.36
CA GLY A 281 0.46 47.95 -40.42
C GLY A 281 -1.02 47.88 -40.09
N GLN A 282 -1.75 47.19 -40.97
CA GLN A 282 -3.18 46.99 -40.80
C GLN A 282 -3.51 45.53 -41.05
N VAL A 283 -4.59 45.07 -40.43
CA VAL A 283 -5.03 43.68 -40.55
C VAL A 283 -6.55 43.65 -40.57
N PRO A 284 -7.18 42.95 -41.52
CA PRO A 284 -8.64 42.82 -41.48
C PRO A 284 -9.10 42.21 -40.16
N GLN A 285 -10.24 42.70 -39.67
CA GLN A 285 -10.78 42.20 -38.42
C GLN A 285 -11.04 40.70 -38.47
N THR A 286 -11.46 40.19 -39.63
CA THR A 286 -11.69 38.75 -39.78
C THR A 286 -10.42 37.98 -39.50
N VAL A 287 -9.27 38.50 -39.93
CA VAL A 287 -7.99 37.82 -39.67
C VAL A 287 -7.72 37.77 -38.18
N LEU A 288 -8.05 38.85 -37.46
CA LEU A 288 -7.88 38.88 -36.01
C LEU A 288 -8.74 37.83 -35.34
N TYR A 289 -10.00 37.74 -35.76
CA TYR A 289 -10.88 36.71 -35.22
C TYR A 289 -10.30 35.33 -35.53
N LEU A 290 -9.76 35.16 -36.73
CA LEU A 290 -9.17 33.89 -37.13
C LEU A 290 -8.04 33.50 -36.19
N GLY A 291 -7.14 34.43 -35.89
CA GLY A 291 -6.04 34.17 -34.99
C GLY A 291 -6.48 33.79 -33.59
N ILE A 292 -7.43 34.57 -33.05
CA ILE A 292 -7.96 34.27 -31.72
C ILE A 292 -8.55 32.86 -31.70
N LEU A 293 -9.35 32.54 -32.72
CA LEU A 293 -9.98 31.22 -32.79
C LEU A 293 -8.94 30.12 -32.93
N LEU A 294 -7.86 30.37 -33.67
CA LEU A 294 -6.83 29.35 -33.83
C LEU A 294 -6.16 29.04 -32.48
N SER A 295 -5.83 30.08 -31.71
CA SER A 295 -5.24 29.85 -30.40
C SER A 295 -6.20 29.08 -29.49
N HIS A 296 -7.44 29.56 -29.39
CA HIS A 296 -8.40 28.89 -28.52
C HIS A 296 -8.80 27.53 -29.06
N ALA A 297 -8.45 27.22 -30.32
CA ALA A 297 -8.68 25.88 -30.86
C ALA A 297 -7.53 24.96 -30.50
N ASN A 298 -6.31 25.48 -30.46
CA ASN A 298 -5.21 24.70 -29.87
C ASN A 298 -5.57 24.32 -28.44
N SER A 299 -6.21 25.24 -27.72
CA SER A 299 -6.63 24.96 -26.36
C SER A 299 -7.40 23.63 -26.27
N MET A 300 -8.33 23.40 -27.21
CA MET A 300 -9.11 22.17 -27.19
C MET A 300 -8.40 21.01 -27.90
N MET A 301 -7.51 21.30 -28.84
CA MET A 301 -6.84 20.25 -29.59
C MET A 301 -5.77 19.56 -28.76
N ASN A 302 -5.21 20.23 -27.76
CA ASN A 302 -4.14 19.63 -26.98
C ASN A 302 -4.52 18.26 -26.42
N PRO A 303 -5.69 18.08 -25.80
CA PRO A 303 -6.03 16.75 -25.25
C PRO A 303 -5.97 15.62 -26.26
N ILE A 304 -6.38 15.85 -27.50
CA ILE A 304 -6.45 14.77 -28.49
C ILE A 304 -5.08 14.32 -28.97
N VAL A 305 -4.03 15.11 -28.72
CA VAL A 305 -2.70 14.83 -29.27
C VAL A 305 -1.71 14.40 -28.18
N TYR A 306 -2.05 14.61 -26.91
CA TYR A 306 -1.13 14.27 -25.83
C TYR A 306 -1.67 13.13 -24.97
N ALA A 307 -2.87 13.30 -24.42
CA ALA A 307 -3.41 12.30 -23.50
C ALA A 307 -3.91 11.07 -24.26
N TYR A 308 -4.33 11.24 -25.51
CA TYR A 308 -4.91 10.15 -26.28
C TYR A 308 -3.86 9.25 -26.92
N LYS A 309 -2.59 9.60 -26.86
CA LYS A 309 -1.54 8.78 -27.46
C LYS A 309 -0.98 7.74 -26.51
N ILE A 310 -1.39 7.74 -25.24
CA ILE A 310 -0.98 6.73 -24.29
C ILE A 310 -2.00 5.59 -24.34
N LYS A 311 -1.53 4.37 -24.57
CA LYS A 311 -2.44 3.24 -24.69
C LYS A 311 -3.26 3.05 -23.42
N LYS A 312 -2.66 3.29 -22.26
CA LYS A 312 -3.39 3.15 -21.00
C LYS A 312 -4.55 4.14 -20.96
N PHE A 313 -4.31 5.39 -21.36
CA PHE A 313 -5.37 6.39 -21.37
C PHE A 313 -6.49 5.99 -22.34
N LYS A 314 -6.13 5.51 -23.52
CA LYS A 314 -7.13 5.07 -24.49
C LYS A 314 -7.97 3.94 -23.92
N GLU A 315 -7.32 2.96 -23.30
CA GLU A 315 -8.05 1.83 -22.73
C GLU A 315 -8.99 2.30 -21.63
N THR A 316 -8.52 3.19 -20.76
CA THR A 316 -9.38 3.69 -19.69
C THR A 316 -10.57 4.46 -20.24
N TYR A 317 -10.32 5.31 -21.24
CA TYR A 317 -11.40 6.09 -21.84
C TYR A 317 -12.44 5.19 -22.48
N LEU A 318 -11.99 4.16 -23.20
CA LEU A 318 -12.92 3.22 -23.82
C LEU A 318 -13.71 2.46 -22.76
N LEU A 319 -13.04 2.08 -21.66
CA LEU A 319 -13.74 1.39 -20.59
C LEU A 319 -14.83 2.26 -20.00
N ILE A 320 -14.55 3.54 -19.79
CA ILE A 320 -15.53 4.47 -19.24
C ILE A 320 -16.58 4.81 -20.29
N THR B 83 -11.70 17.22 15.46
CA THR B 83 -11.74 17.00 16.90
C THR B 83 -10.81 15.86 17.29
N LEU B 84 -9.62 16.20 17.76
CA LEU B 84 -8.62 15.24 18.19
C LEU B 84 -8.26 15.46 19.65
N SER B 85 -8.09 14.37 20.38
CA SER B 85 -7.61 14.44 21.75
C SER B 85 -6.09 14.59 21.75
N ALA B 86 -5.54 14.93 22.93
CA ALA B 86 -4.11 15.13 23.03
C ALA B 86 -3.32 13.91 22.59
N GLU B 87 -3.88 12.71 22.76
CA GLU B 87 -3.19 11.49 22.39
C GLU B 87 -3.43 11.10 20.93
N ASP B 88 -4.61 11.41 20.39
CA ASP B 88 -4.88 11.11 18.99
C ASP B 88 -3.98 11.94 18.08
N LYS B 89 -3.62 13.15 18.51
CA LYS B 89 -2.71 13.97 17.71
C LYS B 89 -1.34 13.33 17.60
N ALA B 90 -0.84 12.76 18.71
CA ALA B 90 0.45 12.07 18.66
C ALA B 90 0.36 10.80 17.82
N ALA B 91 -0.77 10.10 17.89
CA ALA B 91 -0.97 8.91 17.05
C ALA B 91 -0.96 9.29 15.58
N VAL B 92 -1.61 10.41 15.24
CA VAL B 92 -1.62 10.87 13.85
C VAL B 92 -0.22 11.27 13.41
N GLU B 93 0.53 11.91 14.30
CA GLU B 93 1.92 12.23 13.98
C GLU B 93 2.73 10.98 13.71
N ARG B 94 2.54 9.93 14.51
CA ARG B 94 3.23 8.67 14.30
C ARG B 94 2.82 8.06 12.96
N SER B 95 1.53 8.11 12.64
CA SER B 95 1.06 7.58 11.36
C SER B 95 1.67 8.33 10.18
N LYS B 96 1.78 9.66 10.30
CA LYS B 96 2.39 10.45 9.24
C LYS B 96 3.87 10.12 9.09
N MET B 97 4.56 9.91 10.22
CA MET B 97 5.96 9.49 10.14
C MET B 97 6.09 8.14 9.46
N ILE B 98 5.18 7.21 9.77
CA ILE B 98 5.20 5.90 9.10
C ILE B 98 4.91 6.07 7.62
N ASP B 99 4.00 6.98 7.25
CA ASP B 99 3.74 7.24 5.85
C ASP B 99 4.99 7.75 5.15
N ARG B 100 5.71 8.67 5.79
CA ARG B 100 6.95 9.18 5.21
C ARG B 100 7.96 8.06 5.01
N ASN B 101 8.10 7.19 6.02
CA ASN B 101 9.04 6.08 5.91
C ASN B 101 8.65 5.13 4.79
N LEU B 102 7.35 4.83 4.67
CA LEU B 102 6.89 3.95 3.60
C LEU B 102 7.17 4.55 2.24
N ARG B 103 6.90 5.85 2.07
CA ARG B 103 7.15 6.49 0.79
C ARG B 103 8.64 6.48 0.45
N GLU B 104 9.48 6.80 1.43
CA GLU B 104 10.91 6.88 1.14
C GLU B 104 11.55 5.51 0.94
N ASP B 105 10.96 4.44 1.49
CA ASP B 105 11.49 3.11 1.20
C ASP B 105 10.92 2.55 -0.10
N GLY B 106 9.68 2.89 -0.45
CA GLY B 106 9.15 2.51 -1.74
C GLY B 106 9.90 3.18 -2.88
N GLU B 107 10.28 4.45 -2.69
CA GLU B 107 11.15 5.09 -3.68
C GLU B 107 12.41 4.28 -3.87
N LYS B 108 13.11 3.94 -2.79
CA LYS B 108 14.30 3.10 -2.87
C LYS B 108 14.04 1.77 -3.55
N ALA B 109 12.86 1.18 -3.36
CA ALA B 109 12.53 -0.08 -3.98
C ALA B 109 12.09 0.06 -5.44
N ALA B 110 11.84 1.29 -5.90
CA ALA B 110 11.41 1.52 -7.28
C ALA B 110 12.57 1.86 -8.21
N ARG B 111 13.78 2.03 -7.69
CA ARG B 111 14.95 2.26 -8.51
C ARG B 111 15.74 0.98 -8.77
N GLU B 112 15.21 -0.17 -8.39
CA GLU B 112 15.93 -1.44 -8.41
C GLU B 112 15.40 -2.33 -9.52
N VAL B 113 16.31 -2.93 -10.27
CA VAL B 113 15.95 -3.77 -11.41
C VAL B 113 15.67 -5.17 -10.90
N LYS B 114 14.42 -5.62 -11.05
CA LYS B 114 14.02 -6.96 -10.62
C LYS B 114 14.06 -7.90 -11.81
N LEU B 115 14.86 -8.97 -11.69
CA LEU B 115 15.04 -9.93 -12.77
C LEU B 115 14.67 -11.33 -12.29
N LEU B 116 13.68 -11.93 -12.95
CA LEU B 116 13.33 -13.32 -12.66
C LEU B 116 14.33 -14.22 -13.36
N LEU B 117 14.64 -15.36 -12.76
CA LEU B 117 15.55 -16.34 -13.34
C LEU B 117 14.80 -17.65 -13.53
N LEU B 118 14.79 -18.16 -14.75
CA LEU B 118 14.07 -19.37 -15.10
C LEU B 118 14.96 -20.27 -15.93
N GLY B 119 14.44 -21.45 -16.28
CA GLY B 119 15.16 -22.41 -17.07
C GLY B 119 15.02 -23.81 -16.49
N ALA B 120 15.45 -24.80 -17.27
CA ALA B 120 15.37 -26.20 -16.85
C ALA B 120 16.59 -26.56 -16.02
N GLY B 121 16.61 -27.79 -15.52
CA GLY B 121 17.73 -28.26 -14.74
C GLY B 121 18.98 -28.45 -15.59
N GLU B 122 20.14 -28.27 -14.95
CA GLU B 122 21.43 -28.42 -15.62
C GLU B 122 21.51 -27.49 -16.85
N SER B 123 20.89 -26.31 -16.72
CA SER B 123 20.84 -25.35 -17.80
C SER B 123 21.82 -24.20 -17.62
N GLY B 124 22.70 -24.25 -16.64
CA GLY B 124 23.60 -23.16 -16.33
C GLY B 124 23.05 -22.16 -15.33
N LYS B 125 21.87 -22.41 -14.79
CA LYS B 125 21.31 -21.52 -13.76
C LYS B 125 22.29 -21.35 -12.61
N SER B 126 22.79 -22.48 -12.07
CA SER B 126 23.80 -22.42 -11.03
C SER B 126 25.07 -21.76 -11.56
N THR B 127 25.43 -22.04 -12.82
CA THR B 127 26.60 -21.40 -13.41
C THR B 127 26.40 -19.90 -13.53
N ILE B 128 25.21 -19.46 -13.96
CA ILE B 128 24.97 -18.05 -14.18
C ILE B 128 24.93 -17.28 -12.87
N VAL B 129 24.29 -17.84 -11.84
CA VAL B 129 24.17 -17.11 -10.57
C VAL B 129 25.55 -16.81 -10.00
N LYS B 130 26.50 -17.75 -10.15
CA LYS B 130 27.87 -17.48 -9.76
C LYS B 130 28.58 -16.54 -10.72
N GLN B 131 28.35 -16.73 -12.03
CA GLN B 131 28.89 -15.80 -13.01
C GLN B 131 28.34 -14.39 -12.82
N MET B 132 27.07 -14.29 -12.43
CA MET B 132 26.45 -12.98 -12.26
C MET B 132 27.17 -12.19 -11.16
N LYS B 133 27.33 -10.91 -11.40
CA LYS B 133 28.05 -10.05 -10.47
C LYS B 133 27.36 -10.02 -9.11
N GLY B 262 14.10 -22.60 -0.85
CA GLY B 262 13.04 -21.89 -1.54
C GLY B 262 13.56 -20.89 -2.55
N ILE B 263 13.02 -19.68 -2.52
CA ILE B 263 13.46 -18.63 -3.43
C ILE B 263 14.82 -18.11 -2.98
N VAL B 264 15.73 -17.92 -3.93
CA VAL B 264 17.07 -17.44 -3.66
C VAL B 264 17.23 -16.07 -4.32
N GLU B 265 17.52 -15.05 -3.52
CA GLU B 265 17.67 -13.70 -4.01
C GLU B 265 19.15 -13.32 -4.06
N THR B 266 19.59 -12.80 -5.19
CA THR B 266 20.96 -12.34 -5.37
C THR B 266 20.92 -10.85 -5.68
N HIS B 267 21.52 -10.04 -4.80
CA HIS B 267 21.58 -8.60 -4.96
C HIS B 267 22.96 -8.21 -5.42
N PHE B 268 23.04 -7.49 -6.55
CA PHE B 268 24.33 -7.08 -7.08
C PHE B 268 24.22 -5.74 -7.80
N THR B 269 25.28 -4.96 -7.74
CA THR B 269 25.32 -3.63 -8.34
C THR B 269 26.22 -3.65 -9.56
N PHE B 270 25.75 -3.07 -10.65
CA PHE B 270 26.52 -2.97 -11.89
C PHE B 270 26.23 -1.62 -12.53
N LYS B 271 27.28 -0.80 -12.68
CA LYS B 271 27.18 0.48 -13.36
C LYS B 271 26.02 1.33 -12.82
N ASP B 272 25.93 1.41 -11.49
CA ASP B 272 24.97 2.23 -10.76
C ASP B 272 23.58 1.60 -10.75
N LEU B 273 23.37 0.45 -11.36
CA LEU B 273 22.08 -0.24 -11.36
C LEU B 273 22.12 -1.37 -10.35
N HIS B 274 21.18 -1.37 -9.42
CA HIS B 274 21.09 -2.38 -8.38
C HIS B 274 20.07 -3.43 -8.81
N PHE B 275 20.54 -4.66 -8.98
CA PHE B 275 19.74 -5.76 -9.51
C PHE B 275 19.40 -6.74 -8.39
N LYS B 276 18.13 -7.12 -8.32
CA LYS B 276 17.66 -8.23 -7.51
C LYS B 276 17.28 -9.35 -8.46
N MET B 277 18.09 -10.40 -8.49
CA MET B 277 17.83 -11.58 -9.32
C MET B 277 17.20 -12.66 -8.46
N PHE B 278 15.99 -13.08 -8.82
CA PHE B 278 15.23 -14.04 -8.04
C PHE B 278 15.24 -15.39 -8.75
N ASP B 279 15.82 -16.40 -8.10
CA ASP B 279 15.88 -17.75 -8.61
C ASP B 279 14.84 -18.58 -7.87
N VAL B 280 13.96 -19.23 -8.63
CA VAL B 280 12.88 -20.03 -8.05
C VAL B 280 13.02 -21.48 -8.50
N GLY B 281 14.27 -21.90 -8.76
CA GLY B 281 14.50 -23.29 -9.14
C GLY B 281 14.35 -24.28 -8.01
N GLY B 282 14.47 -23.83 -6.76
CA GLY B 282 14.29 -24.72 -5.63
C GLY B 282 12.87 -25.20 -5.46
N GLN B 283 11.89 -24.43 -5.92
CA GLN B 283 10.50 -24.86 -5.84
C GLN B 283 10.31 -26.12 -6.66
N ARG B 284 10.09 -27.24 -5.97
CA ARG B 284 9.99 -28.54 -6.62
C ARG B 284 8.62 -28.81 -7.21
N SER B 285 7.64 -27.95 -6.97
CA SER B 285 6.32 -28.10 -7.59
C SER B 285 6.24 -27.21 -8.82
N GLU B 286 5.99 -27.81 -9.98
CA GLU B 286 5.83 -27.07 -11.23
C GLU B 286 4.38 -26.65 -11.44
N ARG B 287 3.77 -25.99 -10.46
CA ARG B 287 2.36 -25.64 -10.50
C ARG B 287 2.12 -24.14 -10.73
N LYS B 288 3.17 -23.38 -11.04
CA LYS B 288 3.05 -21.98 -11.45
C LYS B 288 2.04 -21.19 -10.62
N LYS B 289 1.93 -21.50 -9.33
CA LYS B 289 1.03 -20.78 -8.43
C LYS B 289 1.63 -19.49 -7.92
N TRP B 290 2.84 -19.13 -8.36
CA TRP B 290 3.51 -17.93 -7.89
C TRP B 290 4.15 -17.12 -9.00
N ILE B 291 4.09 -17.57 -10.26
CA ILE B 291 4.70 -16.80 -11.33
C ILE B 291 4.02 -15.44 -11.47
N HIS B 292 2.71 -15.38 -11.18
CA HIS B 292 2.02 -14.10 -11.21
C HIS B 292 2.60 -13.12 -10.20
N CYS B 293 3.33 -13.62 -9.20
CA CYS B 293 3.99 -12.75 -8.24
C CYS B 293 5.18 -12.02 -8.83
N PHE B 294 5.60 -12.37 -10.06
CA PHE B 294 6.77 -11.77 -10.68
C PHE B 294 6.41 -10.82 -11.80
N GLU B 295 5.20 -10.27 -11.80
CA GLU B 295 4.92 -9.12 -12.65
C GLU B 295 5.87 -7.97 -12.31
N GLY B 296 5.93 -7.00 -13.22
CA GLY B 296 6.74 -5.83 -13.02
C GLY B 296 8.24 -6.06 -13.05
N VAL B 297 8.69 -7.32 -13.02
CA VAL B 297 10.11 -7.59 -13.14
C VAL B 297 10.59 -7.07 -14.50
N THR B 298 11.79 -6.48 -14.51
CA THR B 298 12.29 -5.88 -15.74
C THR B 298 12.42 -6.91 -16.85
N ALA B 299 12.92 -8.10 -16.51
CA ALA B 299 13.13 -9.14 -17.50
C ALA B 299 13.14 -10.52 -16.84
N ILE B 300 13.05 -11.54 -17.69
CA ILE B 300 13.20 -12.94 -17.31
C ILE B 300 14.48 -13.42 -17.99
N ILE B 301 15.45 -13.86 -17.19
CA ILE B 301 16.67 -14.48 -17.69
C ILE B 301 16.41 -15.98 -17.77
N PHE B 302 16.31 -16.51 -18.99
CA PHE B 302 16.07 -17.93 -19.22
C PHE B 302 17.34 -18.56 -19.75
N CYS B 303 17.78 -19.63 -19.10
CA CYS B 303 19.04 -20.29 -19.42
C CYS B 303 18.77 -21.64 -20.08
N VAL B 304 19.48 -21.90 -21.17
CA VAL B 304 19.40 -23.17 -21.87
C VAL B 304 20.82 -23.62 -22.20
N ALA B 305 20.99 -24.93 -22.35
CA ALA B 305 22.28 -25.52 -22.65
C ALA B 305 22.21 -26.18 -24.03
N LEU B 306 23.18 -25.84 -24.90
CA LEU B 306 23.27 -26.45 -26.21
C LEU B 306 23.64 -27.92 -26.15
N SER B 307 24.20 -28.38 -25.05
CA SER B 307 24.59 -29.78 -24.91
C SER B 307 23.36 -30.68 -24.83
N ASN B 320 15.39 -35.89 -24.92
CA ASN B 320 15.10 -34.68 -25.68
C ASN B 320 14.94 -33.49 -24.74
N ARG B 321 15.99 -33.21 -23.95
CA ARG B 321 15.94 -32.09 -23.02
C ARG B 321 15.80 -30.77 -23.75
N MET B 322 16.25 -30.71 -25.01
CA MET B 322 16.05 -29.49 -25.80
C MET B 322 14.57 -29.21 -26.00
N HIS B 323 13.77 -30.25 -26.25
CA HIS B 323 12.33 -30.07 -26.34
C HIS B 323 11.75 -29.63 -25.00
N GLU B 324 12.31 -30.10 -23.89
CA GLU B 324 11.89 -29.61 -22.59
C GLU B 324 12.13 -28.12 -22.46
N SER B 325 13.31 -27.66 -22.89
CA SER B 325 13.61 -26.23 -22.86
C SER B 325 12.66 -25.47 -23.77
N MET B 326 12.35 -26.02 -24.95
CA MET B 326 11.44 -25.33 -25.87
C MET B 326 10.05 -25.19 -25.26
N LYS B 327 9.53 -26.25 -24.65
CA LYS B 327 8.20 -26.16 -24.04
C LYS B 327 8.22 -25.19 -22.86
N LEU B 328 9.30 -25.19 -22.07
CA LEU B 328 9.40 -24.21 -20.98
C LEU B 328 9.39 -22.78 -21.52
N PHE B 329 10.15 -22.54 -22.60
CA PHE B 329 10.21 -21.21 -23.18
C PHE B 329 8.85 -20.77 -23.72
N ASP B 330 8.16 -21.68 -24.40
CA ASP B 330 6.81 -21.39 -24.87
C ASP B 330 5.90 -21.08 -23.69
N SER B 331 6.02 -21.84 -22.61
CA SER B 331 5.21 -21.60 -21.43
C SER B 331 5.44 -20.20 -20.88
N ILE B 332 6.70 -19.81 -20.69
CA ILE B 332 6.99 -18.50 -20.10
C ILE B 332 6.51 -17.38 -21.01
N CYS B 333 6.75 -17.51 -22.32
CA CYS B 333 6.32 -16.45 -23.22
C CYS B 333 4.80 -16.35 -23.29
N ASN B 334 4.10 -17.47 -23.19
CA ASN B 334 2.65 -17.48 -23.40
C ASN B 334 1.89 -16.86 -22.23
N ASN B 335 2.54 -16.68 -21.08
CA ASN B 335 1.83 -16.21 -19.90
C ASN B 335 1.17 -14.86 -20.16
N LYS B 336 -0.05 -14.71 -19.64
CA LYS B 336 -0.67 -13.40 -19.60
C LYS B 336 0.08 -12.45 -18.67
N TRP B 337 0.88 -12.99 -17.75
CA TRP B 337 1.62 -12.18 -16.79
C TRP B 337 2.96 -11.70 -17.31
N PHE B 338 3.42 -12.20 -18.46
CA PHE B 338 4.73 -11.84 -18.97
C PHE B 338 4.68 -11.34 -20.41
N THR B 339 3.52 -10.93 -20.91
CA THR B 339 3.40 -10.43 -22.27
C THR B 339 4.15 -9.12 -22.49
N ASP B 340 4.47 -8.39 -21.43
CA ASP B 340 5.15 -7.11 -21.53
C ASP B 340 6.60 -7.17 -21.09
N THR B 341 7.04 -8.29 -20.53
CA THR B 341 8.40 -8.42 -19.98
C THR B 341 9.29 -9.10 -21.00
N SER B 342 10.37 -8.44 -21.37
CA SER B 342 11.34 -9.03 -22.28
C SER B 342 11.95 -10.28 -21.65
N ILE B 343 12.59 -11.08 -22.49
CA ILE B 343 13.23 -12.32 -22.06
C ILE B 343 14.66 -12.32 -22.55
N ILE B 344 15.60 -12.61 -21.66
CA ILE B 344 17.02 -12.68 -21.98
C ILE B 344 17.43 -14.14 -21.98
N LEU B 345 17.57 -14.72 -23.18
CA LEU B 345 17.96 -16.11 -23.34
C LEU B 345 19.48 -16.19 -23.48
N PHE B 346 20.08 -17.12 -22.73
CA PHE B 346 21.53 -17.29 -22.71
C PHE B 346 21.92 -18.66 -23.24
N LEU B 347 22.97 -18.69 -24.05
CA LEU B 347 23.78 -19.88 -24.32
C LEU B 347 25.20 -19.45 -23.94
N ASN B 348 25.54 -19.59 -22.66
CA ASN B 348 26.70 -18.90 -22.12
C ASN B 348 28.00 -19.64 -22.42
N LYS B 349 28.12 -20.89 -21.97
CA LYS B 349 29.35 -21.63 -22.18
C LYS B 349 29.59 -21.85 -23.67
N LYS B 350 30.87 -21.75 -24.07
CA LYS B 350 31.25 -21.91 -25.45
C LYS B 350 32.50 -22.77 -25.60
N ASP B 351 32.90 -23.47 -24.53
CA ASP B 351 34.05 -24.35 -24.56
C ASP B 351 33.66 -25.83 -24.67
N LEU B 352 32.39 -26.16 -24.42
CA LEU B 352 31.91 -27.54 -24.60
C LEU B 352 30.75 -27.59 -25.59
N PHE B 353 30.41 -26.47 -26.23
CA PHE B 353 29.29 -26.43 -27.16
C PHE B 353 29.67 -26.82 -28.58
N GLU B 354 30.96 -26.99 -28.87
CA GLU B 354 31.44 -27.33 -30.20
C GLU B 354 31.96 -28.76 -30.31
N GLU B 355 32.68 -29.24 -29.30
CA GLU B 355 33.35 -30.53 -29.41
C GLU B 355 32.37 -31.69 -29.57
N LYS B 356 31.13 -31.56 -29.09
CA LYS B 356 30.17 -32.64 -29.12
C LYS B 356 29.19 -32.53 -30.29
N ILE B 357 29.38 -31.54 -31.18
CA ILE B 357 28.53 -31.45 -32.35
C ILE B 357 28.93 -32.45 -33.43
N LYS B 358 30.17 -32.93 -33.41
CA LYS B 358 30.66 -33.84 -34.42
C LYS B 358 30.17 -35.27 -34.20
N LYS B 359 29.62 -35.59 -33.02
CA LYS B 359 29.17 -36.96 -32.78
C LYS B 359 28.03 -37.34 -33.73
N SER B 360 27.13 -36.40 -34.00
CA SER B 360 25.99 -36.64 -34.88
C SER B 360 25.35 -35.30 -35.20
N PRO B 361 24.63 -35.21 -36.32
CA PRO B 361 23.96 -33.94 -36.66
C PRO B 361 22.82 -33.62 -35.69
N LEU B 362 22.18 -32.47 -35.89
CA LEU B 362 21.04 -32.07 -35.06
C LEU B 362 19.78 -32.78 -35.54
N THR B 363 19.85 -34.11 -35.54
CA THR B 363 18.74 -34.93 -36.02
C THR B 363 18.49 -36.14 -35.13
N ILE B 364 19.15 -36.26 -33.98
CA ILE B 364 18.87 -37.38 -33.08
C ILE B 364 17.42 -37.34 -32.65
N CYS B 365 16.89 -36.14 -32.42
CA CYS B 365 15.47 -35.97 -32.13
C CYS B 365 14.88 -34.77 -32.88
N TYR B 366 15.59 -34.21 -33.86
CA TYR B 366 15.12 -33.08 -34.65
C TYR B 366 15.32 -33.35 -36.14
N PRO B 367 14.40 -34.08 -36.77
CA PRO B 367 14.57 -34.41 -38.19
C PRO B 367 14.65 -33.21 -39.11
N GLU B 368 13.99 -32.10 -38.77
CA GLU B 368 13.79 -31.00 -39.71
C GLU B 368 15.07 -30.29 -40.13
N TYR B 369 16.12 -30.33 -39.33
CA TYR B 369 17.33 -29.58 -39.63
C TYR B 369 18.06 -30.21 -40.82
N ALA B 370 18.43 -29.36 -41.79
CA ALA B 370 19.11 -29.81 -43.00
C ALA B 370 20.28 -28.89 -43.33
N GLY B 371 20.84 -28.22 -42.33
CA GLY B 371 21.95 -27.30 -42.54
C GLY B 371 23.29 -27.95 -42.22
N SER B 372 24.35 -27.17 -42.44
CA SER B 372 25.70 -27.64 -42.16
C SER B 372 25.84 -28.01 -40.69
N ASN B 373 26.45 -29.17 -40.43
CA ASN B 373 26.61 -29.67 -39.07
C ASN B 373 27.86 -29.08 -38.41
N THR B 374 27.92 -27.75 -38.41
CA THR B 374 28.98 -27.00 -37.76
C THR B 374 28.43 -26.25 -36.56
N TYR B 375 29.31 -25.56 -35.84
CA TYR B 375 28.89 -24.83 -34.65
C TYR B 375 28.01 -23.64 -35.01
N GLU B 376 28.53 -22.71 -35.80
CA GLU B 376 27.81 -21.47 -36.06
C GLU B 376 26.47 -21.73 -36.73
N GLU B 377 26.44 -22.62 -37.72
CA GLU B 377 25.20 -22.88 -38.45
C GLU B 377 24.14 -23.49 -37.54
N ALA B 378 24.48 -24.58 -36.84
CA ALA B 378 23.52 -25.25 -35.99
C ALA B 378 23.12 -24.38 -34.80
N ALA B 379 24.09 -23.69 -34.19
CA ALA B 379 23.79 -22.83 -33.06
C ALA B 379 22.86 -21.70 -33.47
N ALA B 380 23.13 -21.08 -34.62
CA ALA B 380 22.25 -20.02 -35.13
C ALA B 380 20.87 -20.57 -35.43
N TYR B 381 20.79 -21.78 -36.00
CA TYR B 381 19.49 -22.37 -36.28
C TYR B 381 18.70 -22.59 -34.99
N ILE B 382 19.36 -23.10 -33.95
CA ILE B 382 18.68 -23.33 -32.68
C ILE B 382 18.24 -22.01 -32.07
N GLN B 383 19.09 -20.98 -32.14
CA GLN B 383 18.72 -19.66 -31.64
C GLN B 383 17.47 -19.15 -32.36
N CYS B 384 17.46 -19.25 -33.69
CA CYS B 384 16.32 -18.76 -34.45
C CYS B 384 15.06 -19.55 -34.12
N GLN B 385 15.20 -20.87 -33.93
CA GLN B 385 14.04 -21.67 -33.59
C GLN B 385 13.50 -21.36 -32.20
N PHE B 386 14.36 -21.06 -31.22
CA PHE B 386 13.87 -20.56 -29.95
C PHE B 386 13.20 -19.19 -30.09
N GLU B 387 13.77 -18.31 -30.93
CA GLU B 387 13.12 -17.03 -31.19
C GLU B 387 11.73 -17.22 -31.76
N ASP B 388 11.55 -18.25 -32.59
CA ASP B 388 10.29 -18.42 -33.31
C ASP B 388 9.10 -18.67 -32.38
N LEU B 389 9.33 -19.13 -31.15
CA LEU B 389 8.21 -19.40 -30.25
C LEU B 389 7.57 -18.13 -29.71
N ASN B 390 8.19 -16.97 -29.90
CA ASN B 390 7.58 -15.73 -29.48
C ASN B 390 6.32 -15.50 -30.31
N LYS B 391 5.15 -15.70 -29.71
CA LYS B 391 3.90 -15.73 -30.46
C LYS B 391 3.35 -14.34 -30.74
N ARG B 392 3.84 -13.29 -30.08
CA ARG B 392 3.47 -11.92 -30.39
C ARG B 392 4.70 -11.04 -30.16
N LYS B 393 5.39 -10.72 -31.25
CA LYS B 393 6.59 -9.89 -31.21
C LYS B 393 6.27 -8.41 -31.13
N ASP B 394 4.99 -8.03 -31.04
CA ASP B 394 4.61 -6.62 -31.02
C ASP B 394 4.90 -5.97 -29.68
N THR B 395 4.70 -6.70 -28.58
CA THR B 395 4.80 -6.12 -27.24
C THR B 395 6.16 -6.36 -26.59
N LYS B 396 6.67 -7.58 -26.65
CA LYS B 396 7.89 -7.96 -25.95
C LYS B 396 8.98 -8.31 -26.95
N GLU B 397 10.20 -8.46 -26.43
CA GLU B 397 11.37 -8.71 -27.25
C GLU B 397 12.23 -9.78 -26.58
N ILE B 398 13.07 -10.44 -27.39
CA ILE B 398 13.96 -11.49 -26.93
C ILE B 398 15.39 -11.06 -27.21
N TYR B 399 16.24 -11.15 -26.18
CA TYR B 399 17.66 -10.82 -26.29
C TYR B 399 18.46 -12.09 -26.10
N THR B 400 19.19 -12.51 -27.12
CA THR B 400 19.92 -13.76 -27.10
C THR B 400 21.41 -13.54 -26.86
N HIS B 401 22.04 -14.50 -26.19
CA HIS B 401 23.45 -14.43 -25.84
C HIS B 401 24.18 -15.69 -26.25
N PHE B 402 25.38 -15.53 -26.79
CA PHE B 402 26.20 -16.65 -27.24
C PHE B 402 27.62 -16.63 -26.67
N THR B 403 28.18 -15.44 -26.48
CA THR B 403 29.59 -15.31 -26.15
C THR B 403 29.95 -16.14 -24.91
N CYS B 404 31.15 -16.71 -24.94
CA CYS B 404 31.58 -17.66 -23.92
C CYS B 404 31.35 -17.11 -22.51
N ALA B 405 31.07 -18.03 -21.58
CA ALA B 405 30.86 -17.64 -20.19
C ALA B 405 32.16 -17.19 -19.53
N THR B 406 33.30 -17.70 -20.01
CA THR B 406 34.58 -17.33 -19.40
C THR B 406 34.82 -15.83 -19.50
N ASP B 407 34.53 -15.23 -20.65
CA ASP B 407 34.65 -13.80 -20.79
C ASP B 407 33.60 -13.09 -19.93
N THR B 408 34.00 -11.99 -19.32
CA THR B 408 33.13 -11.25 -18.40
C THR B 408 32.18 -10.32 -19.16
N LYS B 409 31.38 -10.90 -20.05
CA LYS B 409 30.39 -10.17 -20.82
C LYS B 409 28.95 -10.53 -20.45
N ASN B 410 28.77 -11.57 -19.62
CA ASN B 410 27.41 -12.02 -19.32
C ASN B 410 26.62 -10.93 -18.60
N VAL B 411 27.23 -10.28 -17.61
CA VAL B 411 26.53 -9.23 -16.89
C VAL B 411 26.36 -8.00 -17.77
N GLN B 412 27.38 -7.68 -18.57
CA GLN B 412 27.29 -6.50 -19.43
C GLN B 412 26.11 -6.59 -20.39
N PHE B 413 25.90 -7.77 -20.98
CA PHE B 413 24.75 -7.94 -21.86
C PHE B 413 23.44 -7.78 -21.11
N VAL B 414 23.39 -8.28 -19.87
CA VAL B 414 22.20 -8.09 -19.05
C VAL B 414 21.98 -6.61 -18.78
N PHE B 415 23.07 -5.86 -18.54
CA PHE B 415 22.95 -4.43 -18.28
C PHE B 415 22.39 -3.70 -19.49
N ASP B 416 22.87 -4.06 -20.69
CA ASP B 416 22.36 -3.42 -21.91
C ASP B 416 20.90 -3.76 -22.14
N ALA B 417 20.53 -5.03 -21.95
CA ALA B 417 19.15 -5.45 -22.19
C ALA B 417 18.18 -4.75 -21.25
N VAL B 418 18.54 -4.63 -19.97
CA VAL B 418 17.67 -3.96 -19.03
C VAL B 418 17.59 -2.48 -19.34
N THR B 419 18.70 -1.86 -19.76
CA THR B 419 18.66 -0.46 -20.15
C THR B 419 17.70 -0.24 -21.31
N ASP B 420 17.78 -1.11 -22.32
CA ASP B 420 16.87 -1.01 -23.46
C ASP B 420 15.43 -1.20 -23.02
N VAL B 421 15.17 -2.19 -22.17
CA VAL B 421 13.82 -2.45 -21.69
C VAL B 421 13.27 -1.24 -20.96
N ILE B 422 14.08 -0.65 -20.07
CA ILE B 422 13.61 0.49 -19.29
C ILE B 422 13.36 1.68 -20.19
N ILE B 423 14.24 1.91 -21.17
CA ILE B 423 14.05 3.03 -22.08
C ILE B 423 12.75 2.87 -22.86
N LYS B 424 12.50 1.67 -23.37
CA LYS B 424 11.26 1.44 -24.11
C LYS B 424 10.03 1.55 -23.21
N ASN B 425 10.15 1.11 -21.95
CA ASN B 425 9.03 1.27 -21.03
C ASN B 425 8.74 2.75 -20.78
N ASN B 426 9.79 3.55 -20.59
CA ASN B 426 9.61 4.98 -20.41
C ASN B 426 8.94 5.60 -21.63
N LEU B 427 9.43 5.28 -22.82
CA LEU B 427 8.86 5.85 -24.04
C LEU B 427 7.40 5.42 -24.21
N LYS B 428 7.12 4.15 -23.97
CA LYS B 428 5.75 3.63 -24.16
C LYS B 428 4.85 4.22 -23.07
N ASP B 429 5.40 5.07 -22.20
CA ASP B 429 4.61 5.61 -21.07
C ASP B 429 4.18 7.04 -21.40
N CYS B 430 5.04 7.79 -22.08
CA CYS B 430 4.72 9.20 -22.45
C CYS B 430 4.02 9.22 -23.81
N GLY B 431 3.67 8.04 -24.34
CA GLY B 431 2.94 7.95 -25.62
C GLY B 431 3.88 8.04 -26.81
N LEU B 432 5.18 8.21 -26.57
CA LEU B 432 6.16 8.31 -27.67
C LEU B 432 6.44 6.91 -28.23
N PHE B 433 5.44 6.02 -28.18
CA PHE B 433 5.61 4.67 -28.77
C PHE B 433 4.54 4.46 -29.86
N ASP C 10 -6.17 -58.68 -8.86
CA ASP C 10 -5.57 -57.68 -7.92
C ASP C 10 -6.35 -57.66 -6.61
N GLN C 11 -5.66 -57.32 -5.52
CA GLN C 11 -6.29 -57.22 -4.20
C GLN C 11 -6.16 -55.83 -3.61
N LEU C 12 -4.97 -55.21 -3.63
CA LEU C 12 -4.83 -53.87 -3.08
C LEU C 12 -5.49 -52.83 -3.99
N ARG C 13 -5.26 -52.91 -5.29
CA ARG C 13 -5.95 -52.01 -6.21
C ARG C 13 -7.44 -52.28 -6.21
N GLN C 14 -7.82 -53.55 -6.25
CA GLN C 14 -9.24 -53.90 -6.20
C GLN C 14 -9.87 -53.45 -4.89
N GLU C 15 -9.17 -53.64 -3.78
CA GLU C 15 -9.69 -53.21 -2.48
C GLU C 15 -9.89 -51.70 -2.45
N ALA C 16 -8.91 -50.95 -2.93
CA ALA C 16 -9.04 -49.49 -2.94
C ALA C 16 -10.22 -49.06 -3.81
N GLU C 17 -10.31 -49.62 -5.02
CA GLU C 17 -11.37 -49.22 -5.94
C GLU C 17 -12.74 -49.55 -5.36
N GLN C 18 -12.92 -50.78 -4.88
CA GLN C 18 -14.22 -51.19 -4.36
C GLN C 18 -14.58 -50.38 -3.12
N LEU C 19 -13.61 -50.12 -2.25
CA LEU C 19 -13.87 -49.27 -1.08
C LEU C 19 -14.40 -47.93 -1.58
N LYS C 20 -13.54 -47.17 -2.26
CA LYS C 20 -13.94 -45.82 -2.66
C LYS C 20 -15.32 -45.83 -3.32
N ASN C 21 -15.53 -46.79 -4.24
CA ASN C 21 -16.81 -46.83 -4.97
C ASN C 21 -17.97 -47.04 -4.02
N GLN C 22 -17.85 -47.99 -3.09
CA GLN C 22 -19.00 -48.32 -2.24
C GLN C 22 -19.26 -47.24 -1.20
N ILE C 23 -18.20 -46.67 -0.61
CA ILE C 23 -18.41 -45.54 0.31
C ILE C 23 -19.09 -44.39 -0.42
N ARG C 24 -18.60 -44.05 -1.61
CA ARG C 24 -19.20 -42.92 -2.33
C ARG C 24 -20.62 -43.21 -2.75
N ASP C 25 -20.90 -44.46 -3.17
CA ASP C 25 -22.26 -44.82 -3.55
C ASP C 25 -23.21 -44.75 -2.37
N ALA C 26 -22.77 -45.23 -1.20
CA ALA C 26 -23.61 -45.13 0.00
C ALA C 26 -23.84 -43.67 0.38
N ARG C 27 -22.78 -42.85 0.29
CA ARG C 27 -22.93 -41.43 0.59
C ARG C 27 -23.95 -40.78 -0.33
N LYS C 28 -23.88 -41.08 -1.63
CA LYS C 28 -24.84 -40.52 -2.58
C LYS C 28 -26.25 -41.02 -2.29
N ALA C 29 -26.40 -42.31 -2.01
CA ALA C 29 -27.72 -42.88 -1.79
C ALA C 29 -28.37 -42.29 -0.54
N CYS C 30 -27.62 -42.15 0.53
CA CYS C 30 -28.16 -41.58 1.77
C CYS C 30 -28.24 -40.07 1.75
N ALA C 31 -27.68 -39.42 0.72
CA ALA C 31 -27.87 -37.98 0.55
C ALA C 31 -29.34 -37.69 0.34
N ASP C 32 -29.86 -36.72 1.11
CA ASP C 32 -31.29 -36.41 1.09
C ASP C 32 -31.61 -35.28 0.12
N ALA C 33 -31.00 -34.12 0.33
CA ALA C 33 -31.26 -32.96 -0.52
C ALA C 33 -30.10 -31.99 -0.41
N THR C 34 -30.04 -31.08 -1.39
CA THR C 34 -28.99 -30.08 -1.42
C THR C 34 -29.33 -28.92 -0.49
N LEU C 35 -28.37 -27.99 -0.37
CA LEU C 35 -28.58 -26.82 0.50
C LEU C 35 -29.75 -25.98 0.02
N SER C 36 -29.86 -25.77 -1.29
CA SER C 36 -30.93 -24.93 -1.83
C SER C 36 -32.31 -25.55 -1.61
N GLN C 37 -32.39 -26.89 -1.64
CA GLN C 37 -33.68 -27.55 -1.57
C GLN C 37 -34.38 -27.30 -0.24
N ILE C 38 -33.62 -27.16 0.85
CA ILE C 38 -34.21 -26.98 2.17
C ILE C 38 -34.45 -25.52 2.52
N THR C 39 -33.86 -24.57 1.79
CA THR C 39 -34.01 -23.15 2.08
C THR C 39 -34.76 -22.41 0.98
N ASN C 40 -35.52 -23.14 0.15
CA ASN C 40 -36.28 -22.49 -0.91
C ASN C 40 -37.34 -21.55 -0.34
N ASN C 41 -37.94 -21.92 0.80
CA ASN C 41 -38.96 -21.07 1.40
C ASN C 41 -38.38 -19.85 2.08
N ILE C 42 -37.09 -19.84 2.37
CA ILE C 42 -36.47 -18.74 3.09
C ILE C 42 -36.32 -17.55 2.15
N ASP C 43 -36.65 -16.36 2.65
CA ASP C 43 -36.55 -15.16 1.84
C ASP C 43 -35.08 -14.78 1.64
N PRO C 44 -34.76 -14.05 0.57
CA PRO C 44 -33.37 -13.65 0.32
C PRO C 44 -32.91 -12.51 1.20
N VAL C 45 -31.67 -12.05 1.00
CA VAL C 45 -31.12 -10.93 1.76
C VAL C 45 -31.31 -9.60 1.07
N GLY C 46 -31.66 -9.59 -0.22
CA GLY C 46 -31.67 -8.37 -0.98
C GLY C 46 -30.29 -8.07 -1.54
N ARG C 47 -30.10 -6.81 -1.94
CA ARG C 47 -28.82 -6.35 -2.48
C ARG C 47 -27.96 -5.81 -1.36
N ILE C 48 -26.78 -6.38 -1.19
CA ILE C 48 -25.85 -5.96 -0.12
C ILE C 48 -25.04 -4.81 -0.70
N GLN C 49 -25.61 -3.61 -0.59
CA GLN C 49 -24.94 -2.40 -1.06
C GLN C 49 -24.03 -1.90 0.06
N MET C 50 -22.72 -1.97 -0.17
CA MET C 50 -21.73 -1.60 0.83
C MET C 50 -20.82 -0.51 0.28
N ARG C 51 -20.52 0.47 1.12
CA ARG C 51 -19.72 1.62 0.73
C ARG C 51 -18.34 1.52 1.36
N THR C 52 -17.36 2.11 0.67
CA THR C 52 -15.98 2.10 1.14
C THR C 52 -15.83 3.20 2.19
N ARG C 53 -15.92 2.80 3.46
CA ARG C 53 -15.84 3.77 4.54
C ARG C 53 -14.41 4.29 4.71
N ARG C 54 -13.43 3.39 4.65
CA ARG C 54 -12.03 3.76 4.78
C ARG C 54 -11.24 3.13 3.64
N THR C 55 -10.18 3.81 3.22
CA THR C 55 -9.28 3.31 2.20
C THR C 55 -7.86 3.44 2.72
N LEU C 56 -7.22 2.29 2.97
CA LEU C 56 -5.90 2.27 3.56
C LEU C 56 -4.85 2.43 2.47
N ARG C 57 -4.24 3.61 2.41
CA ARG C 57 -3.17 3.91 1.47
C ARG C 57 -1.83 3.84 2.17
N GLY C 58 -0.82 3.39 1.43
CA GLY C 58 0.52 3.24 1.99
C GLY C 58 1.23 2.03 1.45
N HIS C 59 0.48 1.01 1.04
CA HIS C 59 1.07 -0.14 0.37
C HIS C 59 1.42 0.24 -1.06
N LEU C 60 2.64 -0.08 -1.49
CA LEU C 60 3.16 0.34 -2.77
C LEU C 60 3.42 -0.84 -3.71
N ALA C 61 2.63 -1.89 -3.59
CA ALA C 61 2.75 -3.08 -4.42
C ALA C 61 1.49 -3.92 -4.21
N LYS C 62 1.47 -5.11 -4.79
CA LYS C 62 0.31 -5.99 -4.65
C LYS C 62 0.18 -6.47 -3.22
N ILE C 63 -1.05 -6.45 -2.72
CA ILE C 63 -1.37 -6.89 -1.36
C ILE C 63 -1.79 -8.35 -1.44
N TYR C 64 -1.08 -9.23 -0.74
CA TYR C 64 -1.31 -10.65 -0.89
C TYR C 64 -2.14 -11.25 0.24
N ALA C 65 -1.87 -10.86 1.48
CA ALA C 65 -2.55 -11.44 2.63
C ALA C 65 -2.99 -10.33 3.57
N MET C 66 -4.03 -10.62 4.35
CA MET C 66 -4.57 -9.68 5.31
C MET C 66 -5.37 -10.45 6.34
N HIS C 67 -5.23 -10.05 7.60
CA HIS C 67 -5.91 -10.74 8.70
C HIS C 67 -6.34 -9.73 9.74
N TRP C 68 -7.60 -9.84 10.17
CA TRP C 68 -8.15 -8.97 11.19
C TRP C 68 -7.64 -9.37 12.57
N GLY C 69 -7.42 -8.36 13.43
CA GLY C 69 -7.17 -8.62 14.83
C GLY C 69 -8.44 -9.00 15.56
N THR C 70 -8.25 -9.62 16.73
CA THR C 70 -9.41 -10.11 17.48
C THR C 70 -10.23 -8.99 18.08
N ASP C 71 -9.69 -7.78 18.18
CA ASP C 71 -10.42 -6.63 18.69
C ASP C 71 -11.33 -5.99 17.65
N SER C 72 -11.28 -6.46 16.40
CA SER C 72 -12.10 -5.95 15.31
C SER C 72 -11.77 -4.51 14.96
N ARG C 73 -10.59 -4.02 15.35
CA ARG C 73 -10.20 -2.65 15.06
C ARG C 73 -8.83 -2.59 14.39
N LEU C 74 -7.97 -3.55 14.71
CA LEU C 74 -6.63 -3.61 14.16
C LEU C 74 -6.57 -4.57 12.98
N LEU C 75 -5.74 -4.22 11.99
CA LEU C 75 -5.55 -5.03 10.81
C LEU C 75 -4.06 -5.26 10.62
N VAL C 76 -3.71 -6.36 9.95
CA VAL C 76 -2.36 -6.60 9.47
C VAL C 76 -2.46 -7.04 8.01
N SER C 77 -1.65 -6.41 7.16
CA SER C 77 -1.64 -6.73 5.74
C SER C 77 -0.21 -6.80 5.23
N ALA C 78 0.06 -7.75 4.34
CA ALA C 78 1.37 -7.91 3.73
C ALA C 78 1.31 -7.60 2.25
N SER C 79 2.31 -6.88 1.75
CA SER C 79 2.39 -6.50 0.36
C SER C 79 3.62 -7.10 -0.29
N GLN C 80 3.58 -7.17 -1.63
CA GLN C 80 4.70 -7.64 -2.41
C GLN C 80 5.94 -6.78 -2.23
N ASP C 81 5.79 -5.56 -1.72
CA ASP C 81 6.90 -4.66 -1.45
C ASP C 81 7.69 -5.04 -0.21
N GLY C 82 7.46 -6.24 0.34
CA GLY C 82 8.17 -6.67 1.53
C GLY C 82 7.84 -5.83 2.74
N LYS C 83 6.56 -5.57 2.96
CA LYS C 83 6.13 -4.75 4.09
C LYS C 83 4.87 -5.35 4.70
N LEU C 84 4.86 -5.40 6.03
CA LEU C 84 3.70 -5.84 6.81
C LEU C 84 3.22 -4.65 7.63
N ILE C 85 2.09 -4.09 7.25
CA ILE C 85 1.56 -2.89 7.89
C ILE C 85 0.43 -3.30 8.82
N ILE C 86 0.51 -2.85 10.07
CA ILE C 86 -0.56 -3.01 11.04
C ILE C 86 -1.29 -1.67 11.12
N TRP C 87 -2.57 -1.69 10.76
CA TRP C 87 -3.41 -0.52 10.59
C TRP C 87 -4.39 -0.41 11.75
N ASP C 88 -4.70 0.84 12.11
CA ASP C 88 -5.88 1.16 12.91
C ASP C 88 -6.98 1.50 11.92
N SER C 89 -7.92 0.56 11.73
CA SER C 89 -8.95 0.75 10.70
C SER C 89 -9.88 1.91 11.04
N TYR C 90 -10.07 2.19 12.34
CA TYR C 90 -11.02 3.24 12.73
C TYR C 90 -10.61 4.60 12.19
N THR C 91 -9.33 4.94 12.27
CA THR C 91 -8.86 6.26 11.88
C THR C 91 -7.95 6.22 10.65
N THR C 92 -7.61 5.03 10.17
CA THR C 92 -6.61 4.88 9.10
C THR C 92 -5.23 5.27 9.59
N ASN C 93 -4.99 5.07 10.88
CA ASN C 93 -3.70 5.36 11.50
C ASN C 93 -2.82 4.13 11.35
N LYS C 94 -1.63 4.31 10.79
CA LYS C 94 -0.68 3.22 10.70
C LYS C 94 -0.06 2.96 12.06
N VAL C 95 -0.41 1.84 12.69
CA VAL C 95 0.12 1.54 14.01
C VAL C 95 1.55 1.02 13.91
N HIS C 96 1.80 0.08 12.99
CA HIS C 96 3.13 -0.49 12.88
C HIS C 96 3.48 -0.71 11.40
N ALA C 97 4.77 -0.68 11.10
CA ALA C 97 5.28 -1.03 9.78
C ALA C 97 6.49 -1.94 9.98
N ILE C 98 6.30 -3.23 9.72
CA ILE C 98 7.34 -4.24 9.92
C ILE C 98 7.98 -4.52 8.55
N PRO C 99 9.27 -4.27 8.37
CA PRO C 99 9.94 -4.68 7.13
C PRO C 99 10.26 -6.17 7.16
N LEU C 100 9.57 -6.93 6.32
CA LEU C 100 9.78 -8.37 6.26
C LEU C 100 11.14 -8.68 5.65
N ARG C 101 11.69 -9.83 6.05
CA ARG C 101 13.01 -10.21 5.57
C ARG C 101 12.97 -10.66 4.12
N SER C 102 11.87 -11.29 3.69
CA SER C 102 11.67 -11.70 2.31
C SER C 102 10.48 -10.95 1.74
N SER C 103 10.68 -10.34 0.56
CA SER C 103 9.61 -9.54 -0.05
C SER C 103 8.52 -10.41 -0.66
N TRP C 104 8.75 -11.71 -0.81
CA TRP C 104 7.77 -12.61 -1.42
C TRP C 104 6.96 -13.29 -0.31
N VAL C 105 5.97 -12.55 0.17
CA VAL C 105 5.14 -12.97 1.29
C VAL C 105 3.72 -13.20 0.79
N MET C 106 3.15 -14.36 1.12
CA MET C 106 1.86 -14.77 0.59
C MET C 106 0.79 -14.98 1.66
N THR C 107 1.13 -14.92 2.94
CA THR C 107 0.16 -15.19 3.99
C THR C 107 0.43 -14.28 5.18
N CYS C 108 -0.64 -14.00 5.93
CA CYS C 108 -0.58 -13.22 7.16
C CYS C 108 -1.44 -13.90 8.22
N ALA C 109 -1.04 -13.72 9.48
CA ALA C 109 -1.85 -14.12 10.62
C ALA C 109 -1.66 -13.12 11.74
N TYR C 110 -2.72 -12.90 12.50
CA TYR C 110 -2.71 -12.02 13.65
C TYR C 110 -3.02 -12.87 14.87
N ALA C 111 -2.13 -12.85 15.85
CA ALA C 111 -2.28 -13.75 16.99
C ALA C 111 -3.57 -13.43 17.74
N PRO C 112 -4.32 -14.44 18.20
CA PRO C 112 -5.58 -14.15 18.91
C PRO C 112 -5.39 -13.29 20.14
N SER C 113 -4.27 -13.42 20.84
CA SER C 113 -3.96 -12.56 21.97
C SER C 113 -3.64 -11.14 21.53
N GLY C 114 -3.06 -10.98 20.34
CA GLY C 114 -2.69 -9.68 19.84
C GLY C 114 -1.24 -9.30 20.05
N ASN C 115 -0.41 -10.21 20.54
CA ASN C 115 0.99 -9.91 20.82
C ASN C 115 1.92 -10.26 19.67
N TYR C 116 1.46 -11.07 18.71
CA TYR C 116 2.33 -11.59 17.67
C TYR C 116 1.63 -11.49 16.31
N VAL C 117 2.45 -11.46 15.27
CA VAL C 117 1.96 -11.55 13.89
C VAL C 117 2.86 -12.51 13.12
N ALA C 118 2.26 -13.34 12.27
CA ALA C 118 3.01 -14.32 11.49
C ALA C 118 2.89 -14.03 10.00
N CYS C 119 3.98 -14.32 9.28
CA CYS C 119 4.04 -14.10 7.84
C CYS C 119 5.01 -15.09 7.22
N GLY C 120 5.07 -15.08 5.91
CA GLY C 120 6.01 -15.89 5.16
C GLY C 120 5.51 -16.12 3.75
N GLY C 121 6.34 -16.80 2.97
CA GLY C 121 6.03 -17.00 1.56
C GLY C 121 7.00 -17.92 0.84
N LEU C 122 7.44 -17.50 -0.33
CA LEU C 122 8.33 -18.30 -1.17
C LEU C 122 9.66 -18.62 -0.49
N ASP C 123 9.91 -18.11 0.71
CA ASP C 123 11.12 -18.42 1.46
C ASP C 123 10.99 -19.70 2.28
N ASN C 124 9.83 -20.33 2.30
CA ASN C 124 9.59 -21.59 3.00
C ASN C 124 9.75 -21.46 4.51
N ILE C 125 9.54 -20.26 5.05
CA ILE C 125 9.71 -19.99 6.47
C ILE C 125 8.50 -19.22 6.98
N CYS C 126 8.07 -19.54 8.19
CA CYS C 126 7.01 -18.82 8.87
C CYS C 126 7.66 -17.96 9.96
N SER C 127 7.79 -16.67 9.68
CA SER C 127 8.35 -15.74 10.65
C SER C 127 7.27 -15.21 11.57
N ILE C 128 7.59 -15.16 12.86
CA ILE C 128 6.68 -14.69 13.90
C ILE C 128 7.32 -13.51 14.58
N TYR C 129 6.64 -12.37 14.56
CA TYR C 129 7.13 -11.10 15.09
C TYR C 129 6.35 -10.75 16.34
N ASN C 130 7.08 -10.26 17.36
CA ASN C 130 6.49 -9.88 18.64
C ASN C 130 6.15 -8.39 18.63
N LEU C 131 4.89 -8.08 18.91
CA LEU C 131 4.42 -6.70 18.88
C LEU C 131 4.59 -5.98 20.21
N LYS C 132 4.32 -6.66 21.33
CA LYS C 132 4.32 -6.02 22.65
C LYS C 132 5.67 -6.26 23.31
N THR C 133 6.66 -5.46 22.91
CA THR C 133 7.99 -5.50 23.48
C THR C 133 8.18 -4.31 24.42
N ARG C 134 9.18 -4.42 25.29
CA ARG C 134 9.53 -3.33 26.19
C ARG C 134 10.41 -2.28 25.52
N GLU C 135 10.89 -2.54 24.31
CA GLU C 135 11.77 -1.61 23.61
C GLU C 135 11.02 -0.67 22.67
N GLY C 136 9.71 -0.83 22.55
CA GLY C 136 8.93 0.09 21.73
C GLY C 136 8.92 -0.20 20.26
N ASN C 137 9.47 -1.32 19.82
CA ASN C 137 9.51 -1.72 18.43
C ASN C 137 8.91 -3.12 18.27
N VAL C 138 8.95 -3.62 17.04
CA VAL C 138 8.51 -4.97 16.72
C VAL C 138 9.71 -5.76 16.22
N ARG C 139 9.92 -6.94 16.79
CA ARG C 139 11.07 -7.77 16.49
C ARG C 139 10.64 -9.16 16.05
N VAL C 140 11.55 -9.87 15.41
CA VAL C 140 11.32 -11.24 14.95
C VAL C 140 11.42 -12.14 16.18
N SER C 141 10.27 -12.65 16.64
CA SER C 141 10.29 -13.56 17.78
C SER C 141 10.91 -14.90 17.39
N ARG C 142 10.47 -15.48 16.28
CA ARG C 142 10.97 -16.79 15.87
C ARG C 142 10.83 -16.95 14.36
N GLU C 143 11.51 -17.96 13.82
CA GLU C 143 11.36 -18.38 12.44
C GLU C 143 11.18 -19.89 12.40
N LEU C 144 10.05 -20.35 11.85
CA LEU C 144 9.75 -21.77 11.75
C LEU C 144 10.13 -22.25 10.36
N ALA C 145 11.02 -23.25 10.30
CA ALA C 145 11.54 -23.78 9.06
C ALA C 145 11.38 -25.30 9.04
N GLY C 146 11.36 -25.86 7.84
CA GLY C 146 11.19 -27.29 7.67
C GLY C 146 10.32 -27.64 6.48
N HIS C 147 9.44 -26.71 6.08
CA HIS C 147 8.67 -26.90 4.86
C HIS C 147 9.57 -26.82 3.64
N THR C 148 9.26 -27.62 2.63
CA THR C 148 10.03 -27.63 1.39
C THR C 148 9.40 -26.78 0.29
N GLY C 149 8.07 -26.72 0.23
CA GLY C 149 7.39 -25.89 -0.74
C GLY C 149 7.03 -24.53 -0.16
N TYR C 150 6.62 -23.63 -1.05
CA TYR C 150 6.31 -22.27 -0.64
C TYR C 150 5.25 -22.28 0.46
N LEU C 151 5.18 -21.16 1.18
CA LEU C 151 4.32 -21.02 2.34
C LEU C 151 2.99 -20.42 1.89
N SER C 152 1.94 -21.26 1.90
CA SER C 152 0.62 -20.84 1.42
C SER C 152 -0.21 -20.13 2.48
N CYS C 153 -0.28 -20.67 3.70
CA CYS C 153 -1.10 -20.08 4.73
C CYS C 153 -0.58 -20.49 6.11
N CYS C 154 -0.94 -19.71 7.11
CA CYS C 154 -0.51 -19.96 8.49
C CYS C 154 -1.51 -19.29 9.43
N ARG C 155 -1.82 -19.97 10.53
CA ARG C 155 -2.79 -19.46 11.49
C ARG C 155 -2.36 -19.82 12.90
N PHE C 156 -2.37 -18.84 13.80
CA PHE C 156 -2.04 -19.09 15.19
C PHE C 156 -3.12 -19.92 15.85
N LEU C 157 -2.72 -20.96 16.58
CA LEU C 157 -3.62 -21.65 17.49
C LEU C 157 -3.61 -21.01 18.87
N ASP C 158 -2.45 -20.56 19.32
CA ASP C 158 -2.28 -19.87 20.59
C ASP C 158 -1.05 -18.98 20.47
N ASP C 159 -0.60 -18.42 21.58
CA ASP C 159 0.60 -17.60 21.60
C ASP C 159 1.87 -18.40 21.41
N ASN C 160 1.78 -19.73 21.45
CA ASN C 160 2.96 -20.60 21.32
C ASN C 160 2.73 -21.78 20.40
N GLN C 161 1.64 -21.79 19.63
CA GLN C 161 1.30 -22.94 18.80
C GLN C 161 0.61 -22.44 17.54
N ILE C 162 1.20 -22.76 16.37
CA ILE C 162 0.74 -22.27 15.09
C ILE C 162 0.63 -23.43 14.12
N VAL C 163 -0.22 -23.29 13.11
CA VAL C 163 -0.44 -24.32 12.09
C VAL C 163 -0.17 -23.71 10.72
N THR C 164 0.46 -24.47 9.85
CA THR C 164 0.94 -23.98 8.57
C THR C 164 0.59 -24.94 7.45
N SER C 165 0.42 -24.40 6.24
CA SER C 165 0.28 -25.17 5.01
C SER C 165 1.43 -24.82 4.07
N SER C 166 1.79 -25.76 3.20
CA SER C 166 2.87 -25.51 2.25
C SER C 166 2.54 -26.12 0.90
N GLY C 167 3.39 -25.82 -0.08
CA GLY C 167 3.25 -26.37 -1.41
C GLY C 167 3.94 -27.71 -1.56
N ASP C 168 4.40 -28.27 -0.45
CA ASP C 168 4.98 -29.60 -0.42
C ASP C 168 3.90 -30.68 -0.29
N THR C 169 2.63 -30.30 -0.41
CA THR C 169 1.52 -31.23 -0.23
C THR C 169 1.40 -31.58 1.26
N THR C 170 1.78 -30.65 2.13
CA THR C 170 1.87 -30.94 3.54
C THR C 170 1.39 -29.75 4.37
N CYS C 171 1.02 -30.05 5.61
CA CYS C 171 0.78 -29.07 6.65
C CYS C 171 1.62 -29.43 7.87
N ALA C 172 1.84 -28.45 8.74
CA ALA C 172 2.73 -28.62 9.88
C ALA C 172 2.17 -27.92 11.10
N LEU C 173 2.10 -28.64 12.21
CA LEU C 173 1.79 -28.06 13.51
C LEU C 173 3.10 -27.86 14.27
N TRP C 174 3.40 -26.62 14.63
CA TRP C 174 4.65 -26.26 15.26
C TRP C 174 4.45 -25.92 16.73
N ASP C 175 5.57 -25.87 17.44
CA ASP C 175 5.64 -25.36 18.81
C ASP C 175 6.61 -24.18 18.77
N ILE C 176 6.07 -22.96 18.89
CA ILE C 176 6.86 -21.76 18.63
C ILE C 176 8.02 -21.66 19.60
N GLU C 177 7.83 -22.08 20.84
CA GLU C 177 8.91 -22.00 21.83
C GLU C 177 10.10 -22.86 21.41
N THR C 178 9.85 -24.13 21.08
CA THR C 178 10.95 -25.02 20.71
C THR C 178 11.43 -24.75 19.28
N GLY C 179 10.52 -24.35 18.40
CA GLY C 179 10.86 -24.13 17.01
C GLY C 179 10.83 -25.36 16.13
N GLN C 180 10.41 -26.50 16.66
CA GLN C 180 10.31 -27.73 15.90
C GLN C 180 8.85 -27.99 15.55
N GLN C 181 8.65 -28.66 14.42
CA GLN C 181 7.30 -28.99 13.97
C GLN C 181 6.79 -30.18 14.76
N THR C 182 5.79 -29.95 15.61
CA THR C 182 5.28 -31.00 16.47
C THR C 182 4.65 -32.13 15.65
N THR C 183 3.84 -31.77 14.65
CA THR C 183 3.17 -32.75 13.82
C THR C 183 3.32 -32.38 12.35
N THR C 184 3.36 -33.40 11.50
CA THR C 184 3.36 -33.22 10.06
C THR C 184 2.18 -33.97 9.46
N PHE C 185 1.35 -33.25 8.72
CA PHE C 185 0.15 -33.79 8.11
C PHE C 185 0.41 -33.94 6.61
N THR C 186 0.25 -35.16 6.12
CA THR C 186 0.47 -35.49 4.72
C THR C 186 -0.73 -36.24 4.16
N GLY C 187 -0.76 -36.37 2.84
CA GLY C 187 -1.85 -37.04 2.15
C GLY C 187 -2.23 -36.35 0.86
N HIS C 188 -1.97 -35.05 0.77
CA HIS C 188 -2.20 -34.31 -0.46
C HIS C 188 -1.20 -34.74 -1.53
N THR C 189 -1.61 -34.60 -2.78
CA THR C 189 -0.76 -34.86 -3.93
C THR C 189 -0.40 -33.59 -4.68
N GLY C 190 -1.00 -32.45 -4.32
CA GLY C 190 -0.68 -31.18 -4.94
C GLY C 190 -0.41 -30.11 -3.90
N ASP C 191 0.00 -28.95 -4.40
CA ASP C 191 0.36 -27.83 -3.53
C ASP C 191 -0.83 -27.44 -2.68
N VAL C 192 -0.64 -27.42 -1.35
CA VAL C 192 -1.69 -27.01 -0.43
C VAL C 192 -1.70 -25.49 -0.38
N MET C 193 -2.83 -24.86 -0.73
CA MET C 193 -2.88 -23.38 -0.91
C MET C 193 -3.56 -22.62 0.22
N SER C 194 -4.41 -23.22 1.05
CA SER C 194 -5.10 -22.44 2.08
C SER C 194 -5.56 -23.38 3.19
N LEU C 195 -5.49 -22.88 4.42
CA LEU C 195 -5.99 -23.59 5.59
C LEU C 195 -6.83 -22.65 6.42
N SER C 196 -7.85 -23.20 7.07
CA SER C 196 -8.69 -22.45 8.00
C SER C 196 -8.68 -23.17 9.34
N LEU C 197 -8.61 -22.40 10.42
CA LEU C 197 -8.65 -22.98 11.75
C LEU C 197 -10.07 -22.99 12.28
N ALA C 198 -10.45 -24.10 12.91
CA ALA C 198 -11.77 -24.21 13.49
C ALA C 198 -11.93 -23.23 14.64
N PRO C 199 -13.16 -22.82 14.94
CA PRO C 199 -13.37 -21.89 16.07
C PRO C 199 -12.80 -22.39 17.37
N ASP C 200 -12.88 -23.69 17.64
CA ASP C 200 -12.33 -24.26 18.87
C ASP C 200 -10.86 -24.62 18.74
N THR C 201 -10.24 -24.40 17.58
CA THR C 201 -8.81 -24.64 17.39
C THR C 201 -8.46 -26.10 17.69
N ARG C 202 -9.35 -27.01 17.31
CA ARG C 202 -9.13 -28.44 17.51
C ARG C 202 -8.98 -29.21 16.21
N LEU C 203 -9.38 -28.64 15.08
CA LEU C 203 -9.22 -29.28 13.78
C LEU C 203 -8.81 -28.22 12.78
N PHE C 204 -8.71 -28.61 11.52
CA PHE C 204 -8.61 -27.63 10.45
C PHE C 204 -8.93 -28.30 9.12
N VAL C 205 -9.18 -27.49 8.11
CA VAL C 205 -9.46 -27.95 6.75
C VAL C 205 -8.52 -27.24 5.81
N SER C 206 -8.04 -27.97 4.80
CA SER C 206 -7.08 -27.42 3.85
C SER C 206 -7.36 -27.97 2.45
N GLY C 207 -7.26 -27.09 1.46
CA GLY C 207 -7.44 -27.45 0.06
C GLY C 207 -6.11 -27.38 -0.68
N ALA C 208 -5.95 -28.25 -1.66
CA ALA C 208 -4.69 -28.37 -2.38
C ALA C 208 -4.90 -28.25 -3.87
N CYS C 209 -3.78 -28.16 -4.59
CA CYS C 209 -3.79 -28.08 -6.04
C CYS C 209 -4.17 -29.40 -6.69
N ASP C 210 -4.30 -30.48 -5.92
CA ASP C 210 -4.85 -31.73 -6.42
C ASP C 210 -6.36 -31.68 -6.59
N ALA C 211 -6.96 -30.49 -6.50
CA ALA C 211 -8.40 -30.31 -6.69
C ALA C 211 -9.19 -31.03 -5.60
N SER C 212 -8.60 -31.16 -4.41
CA SER C 212 -9.26 -31.83 -3.29
C SER C 212 -9.01 -31.04 -2.01
N ALA C 213 -9.99 -31.10 -1.11
CA ALA C 213 -9.88 -30.54 0.22
C ALA C 213 -9.86 -31.69 1.22
N LYS C 214 -9.54 -31.37 2.48
CA LYS C 214 -9.57 -32.41 3.50
C LYS C 214 -9.50 -31.80 4.89
N LEU C 215 -10.12 -32.51 5.83
CA LEU C 215 -10.17 -32.14 7.23
C LEU C 215 -9.11 -32.94 7.98
N TRP C 216 -8.18 -32.23 8.63
CA TRP C 216 -7.09 -32.82 9.38
C TRP C 216 -7.24 -32.47 10.85
N ASP C 217 -7.10 -33.48 11.71
CA ASP C 217 -7.16 -33.30 13.16
C ASP C 217 -5.80 -32.86 13.67
N VAL C 218 -5.78 -31.79 14.47
CA VAL C 218 -4.52 -31.22 14.92
C VAL C 218 -3.85 -32.06 16.00
N ARG C 219 -4.63 -32.82 16.78
CA ARG C 219 -4.08 -33.56 17.90
C ARG C 219 -3.41 -34.87 17.46
N GLU C 220 -4.16 -35.74 16.78
CA GLU C 220 -3.66 -37.06 16.42
C GLU C 220 -2.78 -37.05 15.18
N GLY C 221 -2.76 -35.96 14.42
CA GLY C 221 -1.97 -35.94 13.20
C GLY C 221 -2.46 -36.88 12.13
N MET C 222 -3.67 -37.43 12.28
CA MET C 222 -4.24 -38.36 11.33
C MET C 222 -5.12 -37.61 10.33
N CYS C 223 -5.29 -38.21 9.16
CA CYS C 223 -6.13 -37.62 8.12
C CYS C 223 -7.58 -38.00 8.40
N ARG C 224 -8.33 -37.07 9.00
CA ARG C 224 -9.68 -37.38 9.43
C ARG C 224 -10.61 -37.59 8.23
N GLN C 225 -10.62 -36.66 7.29
CA GLN C 225 -11.56 -36.77 6.17
C GLN C 225 -10.97 -36.11 4.93
N THR C 226 -11.52 -36.48 3.78
CA THR C 226 -11.13 -35.89 2.50
C THR C 226 -12.39 -35.64 1.69
N PHE C 227 -12.42 -34.51 0.98
CA PHE C 227 -13.54 -34.10 0.16
C PHE C 227 -13.08 -33.82 -1.26
N THR C 228 -13.90 -34.28 -2.21
CA THR C 228 -13.60 -34.16 -3.63
C THR C 228 -14.85 -33.75 -4.39
N GLY C 229 -14.82 -33.87 -5.71
CA GLY C 229 -15.88 -33.32 -6.53
C GLY C 229 -15.55 -31.97 -7.11
N HIS C 230 -14.37 -31.82 -7.70
CA HIS C 230 -13.84 -30.53 -8.10
C HIS C 230 -13.00 -30.70 -9.36
N GLU C 231 -12.90 -29.63 -10.14
CA GLU C 231 -12.21 -29.70 -11.43
C GLU C 231 -10.78 -29.15 -11.36
N SER C 232 -10.58 -28.00 -10.73
CA SER C 232 -9.29 -27.33 -10.70
C SER C 232 -8.77 -27.24 -9.27
N ASP C 233 -7.68 -26.51 -9.10
CA ASP C 233 -7.06 -26.37 -7.80
C ASP C 233 -7.89 -25.48 -6.88
N ILE C 234 -7.61 -25.57 -5.59
CA ILE C 234 -8.27 -24.73 -4.58
C ILE C 234 -7.26 -23.71 -4.08
N ASN C 235 -7.63 -22.43 -4.14
CA ASN C 235 -6.78 -21.34 -3.71
C ASN C 235 -7.23 -20.68 -2.42
N ALA C 236 -8.42 -21.01 -1.91
CA ALA C 236 -8.96 -20.36 -0.73
C ALA C 236 -9.90 -21.32 -0.01
N ILE C 237 -9.87 -21.28 1.32
CA ILE C 237 -10.73 -22.12 2.15
C ILE C 237 -11.00 -21.40 3.46
N CYS C 238 -12.21 -21.61 4.00
CA CYS C 238 -12.62 -20.97 5.24
C CYS C 238 -13.72 -21.81 5.88
N PHE C 239 -13.76 -21.78 7.21
CA PHE C 239 -14.79 -22.46 7.98
C PHE C 239 -16.05 -21.61 8.09
N PHE C 240 -17.18 -22.29 8.17
CA PHE C 240 -18.39 -21.67 8.70
C PHE C 240 -18.13 -21.26 10.15
N PRO C 241 -18.79 -20.20 10.64
CA PRO C 241 -18.43 -19.69 11.97
C PRO C 241 -18.59 -20.72 13.08
N ASN C 242 -19.40 -21.75 12.86
CA ASN C 242 -19.57 -22.80 13.85
C ASN C 242 -18.60 -23.96 13.67
N GLY C 243 -17.72 -23.89 12.68
CA GLY C 243 -16.78 -24.98 12.45
C GLY C 243 -17.44 -26.27 12.06
N ASN C 244 -18.65 -26.20 11.49
CA ASN C 244 -19.37 -27.39 11.05
C ASN C 244 -19.44 -27.50 9.53
N ALA C 245 -18.72 -26.66 8.80
CA ALA C 245 -18.70 -26.68 7.35
C ALA C 245 -17.55 -25.79 6.89
N PHE C 246 -17.36 -25.72 5.58
CA PHE C 246 -16.31 -24.85 5.06
C PHE C 246 -16.53 -24.62 3.57
N ALA C 247 -16.12 -23.44 3.11
CA ALA C 247 -16.25 -23.05 1.71
C ALA C 247 -14.87 -22.94 1.07
N THR C 248 -14.79 -23.35 -0.18
CA THR C 248 -13.55 -23.36 -0.94
C THR C 248 -13.73 -22.56 -2.22
N GLY C 249 -12.66 -21.87 -2.63
CA GLY C 249 -12.63 -21.13 -3.86
C GLY C 249 -11.53 -21.65 -4.77
N SER C 250 -11.72 -21.57 -6.08
CA SER C 250 -10.86 -22.27 -7.03
C SER C 250 -10.66 -21.48 -8.31
N ASP C 251 -9.68 -21.93 -9.09
CA ASP C 251 -9.48 -21.46 -10.46
C ASP C 251 -10.58 -21.93 -11.39
N ASP C 252 -11.42 -22.87 -10.94
CA ASP C 252 -12.58 -23.31 -11.71
C ASP C 252 -13.56 -22.18 -11.98
N ALA C 253 -13.47 -21.08 -11.22
CA ALA C 253 -14.45 -19.99 -11.23
C ALA C 253 -15.69 -20.37 -10.43
N THR C 254 -15.56 -21.32 -9.52
CA THR C 254 -16.66 -21.78 -8.68
C THR C 254 -16.21 -21.80 -7.23
N CYS C 255 -17.17 -21.60 -6.33
CA CYS C 255 -16.96 -21.77 -4.90
C CYS C 255 -17.90 -22.83 -4.39
N ARG C 256 -17.38 -23.71 -3.53
CA ARG C 256 -18.08 -24.91 -3.11
C ARG C 256 -18.14 -24.96 -1.59
N LEU C 257 -19.34 -25.21 -1.06
CA LEU C 257 -19.54 -25.36 0.37
C LEU C 257 -19.73 -26.83 0.71
N PHE C 258 -18.85 -27.35 1.58
CA PHE C 258 -18.85 -28.73 2.04
C PHE C 258 -19.19 -28.78 3.52
N ASP C 259 -19.72 -29.92 3.95
CA ASP C 259 -19.93 -30.24 5.35
C ASP C 259 -19.02 -31.39 5.76
N LEU C 260 -18.43 -31.28 6.94
CA LEU C 260 -17.47 -32.26 7.43
C LEU C 260 -18.16 -33.47 8.07
N ARG C 261 -19.48 -33.45 8.16
CA ARG C 261 -20.23 -34.58 8.73
C ARG C 261 -20.89 -35.40 7.64
N ALA C 262 -21.55 -34.77 6.66
CA ALA C 262 -22.12 -35.51 5.56
C ALA C 262 -21.04 -36.09 4.65
N ASP C 263 -19.84 -35.52 4.68
CA ASP C 263 -18.70 -35.91 3.85
C ASP C 263 -18.95 -35.64 2.38
N GLN C 264 -20.01 -34.93 2.01
CA GLN C 264 -20.36 -34.65 0.63
C GLN C 264 -20.46 -33.14 0.43
N GLU C 265 -20.20 -32.71 -0.81
CA GLU C 265 -20.35 -31.31 -1.16
C GLU C 265 -21.81 -30.90 -1.00
N LEU C 266 -22.03 -29.75 -0.35
CA LEU C 266 -23.39 -29.28 -0.11
C LEU C 266 -23.88 -28.34 -1.20
N MET C 267 -23.08 -27.33 -1.56
CA MET C 267 -23.58 -26.32 -2.47
C MET C 267 -22.48 -25.82 -3.39
N THR C 268 -22.89 -25.34 -4.56
CA THR C 268 -22.00 -24.73 -5.54
C THR C 268 -22.32 -23.25 -5.68
N TYR C 269 -21.27 -22.44 -5.83
CA TYR C 269 -21.38 -20.98 -5.92
C TYR C 269 -20.71 -20.54 -7.23
N SER C 270 -21.48 -20.56 -8.32
CA SER C 270 -20.95 -20.23 -9.63
C SER C 270 -22.01 -19.48 -10.43
N HIS C 271 -21.54 -18.69 -11.39
CA HIS C 271 -22.39 -17.98 -12.33
C HIS C 271 -21.75 -18.03 -13.72
N ASP C 272 -22.59 -17.99 -14.75
CA ASP C 272 -22.11 -18.17 -16.11
C ASP C 272 -21.15 -17.05 -16.53
N ASN C 273 -21.46 -15.81 -16.16
CA ASN C 273 -20.61 -14.69 -16.54
C ASN C 273 -19.27 -14.71 -15.83
N ILE C 274 -19.14 -15.48 -14.76
CA ILE C 274 -17.88 -15.59 -14.02
C ILE C 274 -16.99 -16.58 -14.77
N ILE C 275 -15.84 -16.11 -15.23
CA ILE C 275 -14.94 -16.90 -16.06
C ILE C 275 -13.60 -17.17 -15.40
N CYS C 276 -13.25 -16.46 -14.34
CA CYS C 276 -11.94 -16.57 -13.71
C CYS C 276 -12.10 -17.10 -12.29
N GLY C 277 -10.95 -17.38 -11.66
CA GLY C 277 -10.93 -18.07 -10.38
C GLY C 277 -11.22 -17.16 -9.20
N ILE C 278 -11.21 -17.78 -8.02
CA ILE C 278 -11.45 -17.08 -6.76
C ILE C 278 -10.16 -17.06 -5.96
N THR C 279 -9.71 -15.87 -5.57
CA THR C 279 -8.46 -15.72 -4.87
C THR C 279 -8.59 -15.84 -3.36
N SER C 280 -9.73 -15.46 -2.80
CA SER C 280 -9.92 -15.45 -1.36
C SER C 280 -11.39 -15.69 -1.04
N VAL C 281 -11.64 -16.26 0.14
CA VAL C 281 -12.98 -16.57 0.60
C VAL C 281 -13.10 -16.17 2.05
N SER C 282 -14.27 -15.64 2.42
CA SER C 282 -14.53 -15.24 3.79
C SER C 282 -16.03 -15.30 4.04
N PHE C 283 -16.38 -15.39 5.32
CA PHE C 283 -17.77 -15.52 5.73
C PHE C 283 -18.19 -14.32 6.57
N SER C 284 -19.48 -14.03 6.54
CA SER C 284 -20.06 -13.03 7.42
C SER C 284 -20.07 -13.56 8.85
N LYS C 285 -20.17 -12.62 9.80
CA LYS C 285 -20.22 -13.01 11.20
C LYS C 285 -21.34 -14.01 11.46
N SER C 286 -22.44 -13.90 10.73
CA SER C 286 -23.53 -14.86 10.80
C SER C 286 -23.34 -16.05 9.88
N GLY C 287 -22.32 -16.04 9.03
CA GLY C 287 -22.21 -17.06 8.01
C GLY C 287 -23.30 -16.97 6.96
N ARG C 288 -23.96 -15.81 6.86
CA ARG C 288 -25.05 -15.63 5.91
C ARG C 288 -24.60 -15.08 4.57
N LEU C 289 -23.43 -14.43 4.52
CA LEU C 289 -22.89 -13.90 3.27
C LEU C 289 -21.49 -14.48 3.09
N LEU C 290 -21.28 -15.15 1.97
CA LEU C 290 -19.95 -15.66 1.60
C LEU C 290 -19.31 -14.64 0.66
N LEU C 291 -18.24 -14.02 1.12
CA LEU C 291 -17.54 -13.02 0.31
C LEU C 291 -16.38 -13.69 -0.40
N ALA C 292 -16.29 -13.49 -1.71
CA ALA C 292 -15.29 -14.14 -2.54
C ALA C 292 -14.58 -13.12 -3.41
N GLY C 293 -13.26 -13.14 -3.39
CA GLY C 293 -12.47 -12.28 -4.26
C GLY C 293 -12.08 -13.02 -5.53
N TYR C 294 -12.36 -12.40 -6.67
CA TYR C 294 -12.14 -13.00 -7.97
C TYR C 294 -11.00 -12.29 -8.68
N ASP C 295 -10.59 -12.88 -9.81
CA ASP C 295 -9.59 -12.28 -10.67
C ASP C 295 -10.18 -11.20 -11.57
N ASP C 296 -11.50 -11.03 -11.56
CA ASP C 296 -12.19 -10.04 -12.37
C ASP C 296 -12.11 -8.65 -11.79
N PHE C 297 -11.19 -8.39 -10.86
CA PHE C 297 -10.97 -7.11 -10.22
C PHE C 297 -12.08 -6.75 -9.24
N ASN C 298 -13.03 -7.65 -8.99
CA ASN C 298 -14.16 -7.37 -8.11
C ASN C 298 -14.24 -8.44 -7.03
N CYS C 299 -15.08 -8.15 -6.04
CA CYS C 299 -15.41 -9.09 -4.98
C CYS C 299 -16.91 -9.28 -4.96
N ASN C 300 -17.35 -10.53 -4.94
CA ASN C 300 -18.76 -10.88 -5.01
C ASN C 300 -19.25 -11.36 -3.65
N VAL C 301 -20.46 -10.95 -3.29
CA VAL C 301 -21.13 -11.41 -2.08
C VAL C 301 -22.19 -12.41 -2.50
N TRP C 302 -22.11 -13.62 -1.94
CA TRP C 302 -23.01 -14.72 -2.29
C TRP C 302 -23.89 -15.05 -1.11
N ASP C 303 -25.19 -15.19 -1.36
CA ASP C 303 -26.07 -15.75 -0.35
C ASP C 303 -25.66 -17.19 -0.09
N ALA C 304 -25.08 -17.43 1.09
CA ALA C 304 -24.52 -18.75 1.40
C ALA C 304 -25.55 -19.86 1.35
N LEU C 305 -26.84 -19.52 1.49
CA LEU C 305 -27.90 -20.52 1.41
C LEU C 305 -28.64 -20.54 0.08
N LYS C 306 -28.65 -19.42 -0.66
CA LYS C 306 -29.34 -19.36 -1.95
C LYS C 306 -28.39 -19.41 -3.14
N ALA C 307 -27.09 -19.24 -2.92
CA ALA C 307 -26.08 -19.32 -3.98
C ALA C 307 -26.16 -18.14 -4.94
N ASP C 308 -27.09 -17.21 -4.73
CA ASP C 308 -27.18 -16.05 -5.59
C ASP C 308 -26.15 -15.00 -5.18
N ARG C 309 -25.84 -14.10 -6.12
CA ARG C 309 -24.94 -12.99 -5.86
C ARG C 309 -25.74 -11.89 -5.17
N ALA C 310 -25.46 -11.67 -3.89
CA ALA C 310 -26.16 -10.68 -3.10
C ALA C 310 -25.57 -9.29 -3.23
N GLY C 311 -24.47 -9.13 -3.95
CA GLY C 311 -23.88 -7.83 -4.14
C GLY C 311 -22.51 -7.96 -4.78
N VAL C 312 -21.84 -6.81 -4.89
CA VAL C 312 -20.51 -6.75 -5.46
C VAL C 312 -19.75 -5.59 -4.84
N LEU C 313 -18.55 -5.85 -4.35
CA LEU C 313 -17.69 -4.80 -3.81
C LEU C 313 -16.79 -4.26 -4.90
N ALA C 314 -17.42 -3.62 -5.88
CA ALA C 314 -16.70 -2.98 -6.97
C ALA C 314 -16.00 -1.72 -6.47
N GLY C 315 -14.85 -1.43 -7.05
CA GLY C 315 -14.05 -0.30 -6.60
C GLY C 315 -12.56 -0.62 -6.53
N HIS C 316 -12.18 -1.82 -6.95
CA HIS C 316 -10.79 -2.22 -7.02
C HIS C 316 -10.37 -2.27 -8.48
N ASP C 317 -9.19 -1.71 -8.77
CA ASP C 317 -8.69 -1.59 -10.14
C ASP C 317 -7.78 -2.74 -10.54
N ASN C 318 -7.70 -3.79 -9.72
CA ASN C 318 -6.91 -4.96 -10.05
C ASN C 318 -7.46 -6.13 -9.26
N ARG C 319 -6.82 -7.30 -9.41
CA ARG C 319 -7.32 -8.52 -8.78
C ARG C 319 -7.44 -8.37 -7.27
N VAL C 320 -8.58 -8.81 -6.74
CA VAL C 320 -8.84 -8.80 -5.30
C VAL C 320 -8.19 -10.04 -4.71
N SER C 321 -7.05 -9.85 -4.03
CA SER C 321 -6.25 -10.97 -3.55
C SER C 321 -6.70 -11.53 -2.21
N CYS C 322 -7.17 -10.68 -1.29
CA CYS C 322 -7.49 -11.16 0.05
C CYS C 322 -8.78 -10.52 0.55
N LEU C 323 -9.49 -11.28 1.39
CA LEU C 323 -10.70 -10.83 2.06
C LEU C 323 -10.50 -10.98 3.56
N GLY C 324 -11.38 -10.34 4.32
CA GLY C 324 -11.38 -10.51 5.76
C GLY C 324 -12.58 -9.85 6.41
N VAL C 325 -13.13 -10.48 7.43
CA VAL C 325 -14.27 -9.94 8.17
C VAL C 325 -13.89 -9.87 9.63
N THR C 326 -14.25 -8.76 10.28
CA THR C 326 -13.94 -8.56 11.68
C THR C 326 -14.61 -9.66 12.52
N ASP C 327 -14.16 -9.77 13.77
CA ASP C 327 -14.76 -10.74 14.68
C ASP C 327 -16.14 -10.32 15.15
N ASP C 328 -16.43 -9.03 15.15
CA ASP C 328 -17.76 -8.53 15.47
C ASP C 328 -18.62 -8.32 14.23
N GLY C 329 -18.07 -8.50 13.03
CA GLY C 329 -18.86 -8.38 11.82
C GLY C 329 -19.21 -6.96 11.44
N MET C 330 -18.48 -5.97 11.95
CA MET C 330 -18.79 -4.58 11.66
C MET C 330 -18.35 -4.14 10.28
N ALA C 331 -17.26 -4.69 9.74
CA ALA C 331 -16.73 -4.23 8.48
C ALA C 331 -15.99 -5.37 7.77
N VAL C 332 -15.75 -5.18 6.48
CA VAL C 332 -15.03 -6.14 5.65
C VAL C 332 -13.81 -5.44 5.06
N ALA C 333 -12.64 -6.03 5.23
CA ALA C 333 -11.44 -5.56 4.58
C ALA C 333 -11.20 -6.37 3.31
N THR C 334 -10.86 -5.68 2.22
CA THR C 334 -10.52 -6.32 0.96
C THR C 334 -9.21 -5.73 0.45
N GLY C 335 -8.28 -6.59 0.09
CA GLY C 335 -6.99 -6.17 -0.44
C GLY C 335 -6.81 -6.71 -1.85
N SER C 336 -6.29 -5.86 -2.73
CA SER C 336 -6.15 -6.18 -4.15
C SER C 336 -4.73 -5.92 -4.61
N TRP C 337 -4.45 -6.32 -5.85
CA TRP C 337 -3.17 -6.05 -6.50
C TRP C 337 -2.99 -4.58 -6.84
N ASP C 338 -4.04 -3.75 -6.69
CA ASP C 338 -3.92 -2.33 -6.96
C ASP C 338 -3.29 -1.56 -5.80
N SER C 339 -2.80 -2.27 -4.78
CA SER C 339 -2.00 -1.68 -3.71
C SER C 339 -2.84 -0.92 -2.70
N PHE C 340 -4.14 -1.20 -2.64
CA PHE C 340 -5.02 -0.55 -1.68
C PHE C 340 -5.85 -1.58 -0.94
N LEU C 341 -5.98 -1.40 0.37
CA LEU C 341 -6.98 -2.09 1.17
C LEU C 341 -8.17 -1.17 1.34
N LYS C 342 -9.36 -1.76 1.28
CA LYS C 342 -10.60 -0.99 1.42
C LYS C 342 -11.46 -1.65 2.49
N ILE C 343 -11.95 -0.84 3.42
CA ILE C 343 -12.88 -1.28 4.45
C ILE C 343 -14.28 -0.89 4.02
N TRP C 344 -15.19 -1.86 4.05
CA TRP C 344 -16.55 -1.70 3.55
C TRP C 344 -17.52 -2.00 4.66
N ASN C 345 -18.60 -1.22 4.72
CA ASN C 345 -19.63 -1.40 5.74
C ASN C 345 -20.99 -0.98 5.19
N ILE D 9 4.90 -53.43 -0.92
CA ILE D 9 3.46 -53.80 -0.81
C ILE D 9 2.75 -52.88 0.18
N ALA D 10 3.51 -52.35 1.14
CA ALA D 10 2.95 -51.46 2.14
C ALA D 10 2.66 -50.07 1.58
N GLN D 11 3.29 -49.70 0.47
CA GLN D 11 3.11 -48.36 -0.08
C GLN D 11 1.64 -48.09 -0.40
N ALA D 12 0.97 -49.05 -1.04
CA ALA D 12 -0.46 -48.93 -1.27
C ALA D 12 -1.27 -49.42 -0.08
N ARG D 13 -0.68 -50.22 0.81
CA ARG D 13 -1.40 -50.67 1.99
C ARG D 13 -1.76 -49.48 2.88
N LYS D 14 -0.83 -48.54 3.07
CA LYS D 14 -1.14 -47.36 3.86
C LYS D 14 -2.19 -46.49 3.18
N LEU D 15 -2.16 -46.40 1.85
CA LEU D 15 -3.19 -45.63 1.13
C LEU D 15 -4.57 -46.24 1.34
N VAL D 16 -4.68 -47.56 1.22
CA VAL D 16 -5.97 -48.20 1.41
C VAL D 16 -6.39 -48.10 2.88
N GLU D 17 -5.44 -48.11 3.81
CA GLU D 17 -5.78 -47.90 5.22
C GLU D 17 -6.34 -46.49 5.42
N GLN D 18 -5.76 -45.50 4.75
CA GLN D 18 -6.30 -44.14 4.83
C GLN D 18 -7.71 -44.08 4.26
N LEU D 19 -7.95 -44.77 3.14
CA LEU D 19 -9.29 -44.83 2.58
C LEU D 19 -10.26 -45.47 3.57
N LYS D 20 -9.84 -46.56 4.22
CA LYS D 20 -10.69 -47.21 5.21
C LYS D 20 -11.00 -46.29 6.38
N MET D 21 -10.00 -45.54 6.84
CA MET D 21 -10.22 -44.57 7.90
C MET D 21 -11.24 -43.52 7.46
N GLU D 22 -11.12 -43.04 6.21
CA GLU D 22 -12.11 -42.13 5.67
C GLU D 22 -13.48 -42.78 5.55
N ALA D 23 -13.54 -44.12 5.48
CA ALA D 23 -14.81 -44.80 5.30
C ALA D 23 -15.61 -44.84 6.60
N ASN D 24 -15.02 -45.32 7.69
CA ASN D 24 -15.73 -45.50 8.95
C ASN D 24 -15.91 -44.13 9.60
N ILE D 25 -16.99 -43.46 9.20
CA ILE D 25 -17.33 -42.13 9.68
C ILE D 25 -18.81 -42.11 10.04
N ASP D 26 -19.14 -41.38 11.11
CA ASP D 26 -20.54 -41.19 11.51
C ASP D 26 -21.17 -40.22 10.52
N ARG D 27 -21.64 -40.76 9.40
CA ARG D 27 -22.15 -39.96 8.30
C ARG D 27 -23.50 -39.35 8.68
N ILE D 28 -23.58 -38.02 8.59
CA ILE D 28 -24.80 -37.26 8.90
C ILE D 28 -25.34 -36.72 7.58
N LYS D 29 -26.55 -37.14 7.22
CA LYS D 29 -27.13 -36.83 5.91
C LYS D 29 -26.99 -35.36 5.57
N VAL D 30 -26.87 -35.05 4.28
CA VAL D 30 -26.62 -33.68 3.85
C VAL D 30 -27.75 -32.75 4.27
N SER D 31 -29.00 -33.20 4.13
CA SER D 31 -30.12 -32.34 4.50
C SER D 31 -30.06 -31.96 5.97
N LYS D 32 -29.56 -32.85 6.82
CA LYS D 32 -29.35 -32.51 8.22
C LYS D 32 -28.30 -31.42 8.35
N ALA D 33 -27.23 -31.51 7.56
CA ALA D 33 -26.17 -30.50 7.62
C ALA D 33 -26.69 -29.14 7.19
N ALA D 34 -27.51 -29.10 6.13
CA ALA D 34 -28.03 -27.82 5.65
C ALA D 34 -28.88 -27.14 6.72
N ALA D 35 -29.72 -27.91 7.40
CA ALA D 35 -30.58 -27.33 8.43
C ALA D 35 -29.76 -26.71 9.55
N ASP D 36 -28.65 -27.35 9.92
CA ASP D 36 -27.82 -26.82 10.99
C ASP D 36 -27.22 -25.47 10.60
N LEU D 37 -26.69 -25.35 9.38
CA LEU D 37 -26.15 -24.08 8.93
C LEU D 37 -27.25 -23.02 8.84
N MET D 38 -28.43 -23.41 8.36
CA MET D 38 -29.55 -22.47 8.31
C MET D 38 -29.88 -21.94 9.70
N ALA D 39 -29.99 -22.83 10.68
CA ALA D 39 -30.31 -22.41 12.05
C ALA D 39 -29.22 -21.51 12.60
N TYR D 40 -27.95 -21.88 12.39
CA TYR D 40 -26.86 -21.07 12.91
C TYR D 40 -26.82 -19.67 12.30
N CYS D 41 -27.03 -19.55 10.99
CA CYS D 41 -27.00 -18.25 10.33
C CYS D 41 -28.30 -17.48 10.51
N GLU D 42 -29.37 -18.12 10.99
CA GLU D 42 -30.57 -17.40 11.37
C GLU D 42 -30.48 -16.86 12.79
N ALA D 43 -29.87 -17.62 13.70
CA ALA D 43 -29.79 -17.20 15.09
C ALA D 43 -28.77 -16.09 15.32
N HIS D 44 -27.85 -15.88 14.38
CA HIS D 44 -26.81 -14.87 14.51
C HIS D 44 -26.99 -13.75 13.49
N ALA D 45 -28.22 -13.54 13.02
CA ALA D 45 -28.51 -12.57 11.98
C ALA D 45 -28.79 -11.18 12.53
N LYS D 46 -29.54 -11.07 13.62
CA LYS D 46 -29.86 -9.77 14.17
C LYS D 46 -28.61 -9.01 14.62
N GLU D 47 -27.52 -9.72 14.90
CA GLU D 47 -26.27 -9.11 15.34
C GLU D 47 -25.18 -9.21 14.28
N ASP D 48 -25.57 -9.11 13.00
CA ASP D 48 -24.61 -9.14 11.90
C ASP D 48 -24.62 -7.78 11.20
N PRO D 49 -23.68 -6.89 11.52
CA PRO D 49 -23.72 -5.55 10.91
C PRO D 49 -23.70 -5.56 9.38
N LEU D 50 -22.78 -6.34 8.79
CA LEU D 50 -22.68 -6.35 7.32
C LEU D 50 -23.97 -6.82 6.66
N LEU D 51 -24.79 -7.60 7.37
CA LEU D 51 -26.07 -8.06 6.85
C LEU D 51 -27.22 -7.15 7.23
N THR D 52 -27.17 -6.57 8.44
CA THR D 52 -28.16 -5.59 8.90
C THR D 52 -27.40 -4.42 9.51
N PRO D 53 -26.92 -3.48 8.67
CA PRO D 53 -26.04 -2.42 9.21
C PRO D 53 -26.49 -1.53 10.35
N VAL D 54 -25.55 -1.24 11.26
CA VAL D 54 -25.82 -0.48 12.47
C VAL D 54 -26.11 0.97 12.08
N PRO D 55 -26.92 1.70 12.85
CA PRO D 55 -27.08 3.14 12.56
C PRO D 55 -25.77 3.88 12.64
N ALA D 56 -25.67 4.97 11.88
CA ALA D 56 -24.41 5.67 11.72
C ALA D 56 -23.82 6.10 13.06
N SER D 57 -24.65 6.36 14.06
CA SER D 57 -24.15 6.83 15.35
C SER D 57 -23.18 5.84 15.95
N GLU D 58 -23.59 4.57 16.06
CA GLU D 58 -22.72 3.56 16.67
C GLU D 58 -21.63 3.09 15.71
N ASN D 59 -21.87 3.18 14.41
CA ASN D 59 -20.95 2.66 13.41
C ASN D 59 -19.56 3.24 13.64
N PRO D 60 -18.57 2.43 14.03
CA PRO D 60 -17.21 2.96 14.22
C PRO D 60 -16.57 3.47 12.93
N PHE D 61 -17.05 3.06 11.77
CA PHE D 61 -16.52 3.53 10.50
C PHE D 61 -17.48 4.52 9.85
N VAL E 2 15.49 -0.95 29.90
CA VAL E 2 15.08 0.48 29.87
C VAL E 2 15.82 1.24 30.97
N GLN E 3 16.37 2.40 30.61
CA GLN E 3 17.14 3.19 31.56
C GLN E 3 17.15 4.64 31.10
N LEU E 4 16.69 5.54 31.97
CA LEU E 4 16.73 6.99 31.73
C LEU E 4 17.46 7.63 32.90
N VAL E 5 18.65 8.16 32.65
CA VAL E 5 19.49 8.74 33.69
C VAL E 5 19.62 10.23 33.43
N GLU E 6 19.24 11.04 34.41
CA GLU E 6 19.31 12.49 34.30
C GLU E 6 20.60 13.01 34.95
N SER E 7 20.97 14.22 34.54
CA SER E 7 22.18 14.87 35.05
C SER E 7 22.07 16.36 34.80
N GLY E 8 23.00 17.10 35.39
CA GLY E 8 23.04 18.55 35.25
C GLY E 8 22.47 19.32 36.42
N GLY E 9 22.03 18.64 37.47
CA GLY E 9 21.49 19.32 38.62
C GLY E 9 22.56 19.90 39.52
N GLY E 10 22.12 20.76 40.43
CA GLY E 10 23.02 21.41 41.37
C GLY E 10 22.36 22.64 41.94
N LEU E 11 23.19 23.48 42.58
CA LEU E 11 22.73 24.74 43.15
C LEU E 11 23.06 25.87 42.19
N VAL E 12 22.09 26.74 41.93
CA VAL E 12 22.23 27.83 40.96
C VAL E 12 21.61 29.08 41.55
N GLN E 13 22.32 30.20 41.44
CA GLN E 13 21.79 31.47 41.90
C GLN E 13 20.73 31.98 40.94
N PRO E 14 19.81 32.83 41.42
CA PRO E 14 18.80 33.39 40.52
C PRO E 14 19.44 34.20 39.40
N GLY E 15 18.80 34.17 38.23
CA GLY E 15 19.31 34.86 37.06
C GLY E 15 20.28 34.06 36.22
N GLY E 16 20.62 32.84 36.62
CA GLY E 16 21.50 31.99 35.84
C GLY E 16 20.73 31.04 34.94
N SER E 17 21.48 30.29 34.15
CA SER E 17 20.93 29.34 33.20
C SER E 17 21.72 28.05 33.27
N ARG E 18 21.03 26.93 33.01
CA ARG E 18 21.65 25.61 33.05
C ARG E 18 20.98 24.73 31.99
N LYS E 19 21.46 23.49 31.89
CA LYS E 19 20.93 22.54 30.92
C LYS E 19 20.86 21.16 31.57
N LEU E 20 19.66 20.72 31.91
CA LEU E 20 19.44 19.35 32.37
C LEU E 20 19.55 18.41 31.19
N SER E 21 20.24 17.29 31.39
CA SER E 21 20.43 16.30 30.35
C SER E 21 19.82 14.97 30.77
N CYS E 22 19.40 14.18 29.79
CA CYS E 22 18.78 12.89 30.00
C CYS E 22 19.34 11.90 28.98
N SER E 23 20.07 10.91 29.48
CA SER E 23 20.62 9.85 28.63
C SER E 23 19.73 8.62 28.71
N ALA E 24 19.41 8.06 27.55
CA ALA E 24 18.51 6.92 27.43
C ALA E 24 19.26 5.70 26.91
N SER E 25 18.86 4.53 27.39
CA SER E 25 19.50 3.29 26.96
C SER E 25 18.55 2.12 27.23
N GLY E 26 18.19 1.38 26.20
CA GLY E 26 17.45 0.15 26.37
C GLY E 26 16.11 0.11 25.68
N PHE E 27 15.85 1.04 24.76
CA PHE E 27 14.58 1.07 24.06
C PHE E 27 14.73 1.87 22.78
N ALA E 28 13.68 1.83 21.96
CA ALA E 28 13.65 2.55 20.68
C ALA E 28 13.33 4.01 20.96
N PHE E 29 14.37 4.74 21.38
CA PHE E 29 14.17 6.10 21.85
C PHE E 29 13.58 7.00 20.77
N SER E 30 14.06 6.87 19.53
CA SER E 30 13.60 7.74 18.45
C SER E 30 12.09 7.68 18.27
N SER E 31 11.47 6.54 18.57
CA SER E 31 10.03 6.38 18.44
C SER E 31 9.28 6.80 19.69
N PHE E 32 9.97 7.35 20.68
CA PHE E 32 9.38 7.77 21.94
C PHE E 32 9.39 9.28 22.05
N GLY E 33 8.25 9.86 22.40
CA GLY E 33 8.24 11.22 22.89
C GLY E 33 8.76 11.30 24.31
N MET E 34 9.13 12.50 24.72
CA MET E 34 9.71 12.72 26.04
C MET E 34 8.96 13.82 26.77
N HIS E 35 8.73 13.59 28.07
CA HIS E 35 8.18 14.60 28.96
C HIS E 35 9.23 14.97 30.02
N TRP E 36 9.25 16.24 30.37
CA TRP E 36 10.02 16.74 31.50
C TRP E 36 9.02 17.12 32.59
N VAL E 37 9.19 16.52 33.77
CA VAL E 37 8.32 16.76 34.91
C VAL E 37 9.20 17.26 36.05
N ARG E 38 8.58 17.80 37.09
CA ARG E 38 9.33 18.24 38.25
C ARG E 38 8.50 18.05 39.51
N GLN E 39 9.21 17.90 40.63
CA GLN E 39 8.61 17.77 41.94
C GLN E 39 9.32 18.72 42.90
N ALA E 40 8.60 19.68 43.44
CA ALA E 40 9.17 20.59 44.41
C ALA E 40 9.29 19.90 45.77
N PRO E 41 10.20 20.38 46.62
CA PRO E 41 10.39 19.72 47.93
C PRO E 41 9.09 19.50 48.67
N GLU E 42 8.71 18.23 48.84
CA GLU E 42 7.51 17.83 49.59
C GLU E 42 6.31 18.73 49.26
N LYS E 43 6.10 18.99 47.98
CA LYS E 43 4.93 19.75 47.53
C LYS E 43 4.17 19.06 46.41
N GLY E 44 4.85 18.27 45.57
CA GLY E 44 4.15 17.50 44.56
C GLY E 44 4.74 17.60 43.15
N LEU E 45 4.23 16.77 42.25
CA LEU E 45 4.72 16.75 40.87
C LEU E 45 4.12 17.88 40.05
N GLU E 46 4.92 18.41 39.13
CA GLU E 46 4.47 19.49 38.26
C GLU E 46 5.09 19.29 36.88
N TRP E 47 4.25 19.18 35.86
CA TRP E 47 4.73 19.00 34.50
C TRP E 47 5.53 20.23 34.06
N VAL E 48 6.59 19.99 33.29
CA VAL E 48 7.47 21.05 32.82
C VAL E 48 7.37 21.25 31.31
N ALA E 49 7.42 20.16 30.53
CA ALA E 49 7.44 20.31 29.08
C ALA E 49 7.27 18.96 28.41
N TYR E 50 7.16 18.99 27.08
CA TYR E 50 6.96 17.80 26.28
C TYR E 50 7.52 18.02 24.88
N ILE E 51 8.14 16.98 24.31
CA ILE E 51 8.58 16.99 22.91
C ILE E 51 8.21 15.65 22.29
N SER E 52 7.51 15.68 21.17
CA SER E 52 6.99 14.47 20.55
C SER E 52 8.06 13.77 19.71
N SER E 53 7.73 12.58 19.25
CA SER E 53 8.64 11.82 18.40
C SER E 53 8.78 12.50 17.05
N GLY E 54 9.99 12.94 16.72
CA GLY E 54 10.25 13.67 15.50
C GLY E 54 10.37 15.17 15.69
N SER E 55 10.25 15.66 16.92
CA SER E 55 10.37 17.09 17.23
C SER E 55 9.29 17.92 16.54
N GLY E 56 8.23 17.28 16.06
CA GLY E 56 7.18 18.00 15.35
C GLY E 56 6.23 18.76 16.25
N THR E 57 6.23 18.46 17.54
CA THR E 57 5.34 19.11 18.51
C THR E 57 6.11 19.31 19.80
N ILE E 58 6.29 20.56 20.21
CA ILE E 58 6.95 20.91 21.45
C ILE E 58 5.99 21.76 22.27
N TYR E 59 5.70 21.31 23.49
CA TYR E 59 4.78 21.98 24.39
C TYR E 59 5.51 22.37 25.66
N TYR E 60 5.13 23.51 26.23
CA TYR E 60 5.74 24.02 27.45
C TYR E 60 4.64 24.34 28.46
N ALA E 61 5.02 24.31 29.75
CA ALA E 61 4.06 24.60 30.80
C ALA E 61 3.90 26.11 30.95
N ASP E 62 2.66 26.54 31.19
CA ASP E 62 2.39 27.97 31.31
C ASP E 62 3.29 28.60 32.36
N THR E 63 3.57 27.87 33.44
CA THR E 63 4.45 28.39 34.48
C THR E 63 5.82 28.75 33.91
N VAL E 64 6.28 28.00 32.91
CA VAL E 64 7.58 28.24 32.31
C VAL E 64 7.45 28.30 30.79
N LYS E 65 6.25 28.57 30.29
CA LYS E 65 6.03 28.70 28.86
C LYS E 65 6.70 29.97 28.38
N GLY E 66 7.51 29.87 27.33
CA GLY E 66 8.30 30.98 26.84
C GLY E 66 9.62 31.15 27.54
N ARG E 67 9.82 30.46 28.67
CA ARG E 67 11.07 30.49 29.42
C ARG E 67 11.44 29.04 29.72
N PHE E 68 12.50 28.56 29.06
CA PHE E 68 12.92 27.16 28.99
C PHE E 68 12.87 26.70 27.54
N THR E 69 13.59 25.63 27.22
CA THR E 69 13.46 24.99 25.91
C THR E 69 13.80 23.52 26.04
N ILE E 70 13.11 22.69 25.25
CA ILE E 70 13.27 21.25 25.27
C ILE E 70 13.78 20.80 23.90
N SER E 71 14.89 20.07 23.90
CA SER E 71 15.57 19.69 22.66
C SER E 71 15.78 18.19 22.60
N ARG E 72 15.63 17.62 21.41
CA ARG E 72 15.79 16.20 21.15
C ARG E 72 17.11 15.95 20.44
N ASP E 73 17.70 14.76 20.70
CA ASP E 73 18.83 14.26 19.91
C ASP E 73 18.60 12.75 19.73
N ASP E 74 17.88 12.41 18.66
CA ASP E 74 17.59 11.00 18.39
C ASP E 74 18.84 10.18 18.08
N PRO E 75 19.75 10.61 17.21
CA PRO E 75 20.94 9.79 16.94
C PRO E 75 21.78 9.51 18.17
N LYS E 76 21.85 10.45 19.12
CA LYS E 76 22.58 10.23 20.36
C LYS E 76 21.70 9.77 21.51
N ASN E 77 20.41 9.57 21.28
CA ASN E 77 19.48 9.06 22.30
C ASN E 77 19.53 9.91 23.56
N THR E 78 19.39 11.23 23.35
CA THR E 78 19.55 12.17 24.45
C THR E 78 18.45 13.23 24.41
N LEU E 79 18.08 13.72 25.59
CA LEU E 79 17.10 14.77 25.75
C LEU E 79 17.71 15.90 26.56
N PHE E 80 17.41 17.14 26.18
CA PHE E 80 17.91 18.30 26.88
C PHE E 80 16.77 19.22 27.29
N LEU E 81 16.92 19.83 28.47
CA LEU E 81 16.04 20.90 28.93
C LEU E 81 16.93 22.06 29.34
N GLN E 82 17.00 23.08 28.50
CA GLN E 82 17.84 24.25 28.76
C GLN E 82 16.96 25.29 29.44
N MET E 83 17.31 25.62 30.68
CA MET E 83 16.57 26.59 31.47
C MET E 83 17.33 27.90 31.51
N THR E 84 16.66 28.99 31.13
CA THR E 84 17.31 30.29 30.93
C THR E 84 17.32 31.16 32.18
N SER E 85 16.14 31.49 32.70
CA SER E 85 16.02 32.29 33.92
C SER E 85 15.39 31.42 35.00
N LEU E 86 16.02 31.39 36.17
CA LEU E 86 15.64 30.49 37.25
C LEU E 86 15.27 31.30 38.48
N ARG E 87 13.98 31.34 38.80
CA ARG E 87 13.50 32.02 39.98
C ARG E 87 13.63 31.08 41.18
N SER E 88 13.24 31.55 42.36
CA SER E 88 13.26 30.72 43.56
C SER E 88 12.21 29.61 43.52
N GLU E 89 11.27 29.67 42.58
CA GLU E 89 10.25 28.65 42.44
C GLU E 89 10.68 27.51 41.53
N ASP E 90 11.83 27.64 40.87
CA ASP E 90 12.35 26.61 39.98
C ASP E 90 13.21 25.59 40.73
N THR E 91 13.10 25.53 42.05
CA THR E 91 13.85 24.55 42.85
C THR E 91 13.01 23.29 42.97
N ALA E 92 13.55 22.16 42.50
CA ALA E 92 12.81 20.92 42.49
C ALA E 92 13.69 19.81 41.95
N MET E 93 13.20 18.59 42.05
CA MET E 93 13.86 17.44 41.42
C MET E 93 13.11 17.14 40.12
N TYR E 94 13.85 17.16 39.02
CA TYR E 94 13.28 17.09 37.68
C TYR E 94 13.42 15.68 37.13
N TYR E 95 12.34 15.18 36.53
CA TYR E 95 12.25 13.82 36.02
C TYR E 95 12.16 13.83 34.50
N CYS E 96 12.81 12.84 33.90
CA CYS E 96 12.79 12.58 32.47
C CYS E 96 11.91 11.35 32.24
N VAL E 97 10.90 11.48 31.38
CA VAL E 97 9.92 10.42 31.19
C VAL E 97 9.74 10.15 29.71
N ARG E 98 9.53 8.88 29.38
CA ARG E 98 9.29 8.45 28.01
C ARG E 98 7.79 8.20 27.82
N SER E 99 7.32 8.43 26.60
CA SER E 99 5.90 8.36 26.31
C SER E 99 5.69 8.10 24.82
N ILE E 100 5.06 6.98 24.49
CA ILE E 100 4.78 6.60 23.11
C ILE E 100 3.28 6.55 22.93
N TYR E 101 2.80 7.09 21.81
CA TYR E 101 1.37 7.25 21.56
C TYR E 101 0.98 6.48 20.30
N TYR E 102 0.25 5.39 20.49
CA TYR E 102 -0.45 4.71 19.41
C TYR E 102 -1.55 3.89 20.07
N TYR E 103 -2.48 3.41 19.25
CA TYR E 103 -3.64 2.71 19.79
C TYR E 103 -3.19 1.61 20.74
N GLY E 104 -3.57 1.72 22.01
CA GLY E 104 -3.28 0.71 23.01
C GLY E 104 -1.97 0.89 23.76
N SER E 105 -1.17 1.91 23.43
CA SER E 105 0.13 2.08 24.06
C SER E 105 -0.02 2.65 25.47
N SER E 106 1.04 2.47 26.27
CA SER E 106 1.13 3.06 27.59
C SER E 106 2.05 4.27 27.52
N PRO E 107 1.54 5.50 27.66
CA PRO E 107 2.37 6.68 27.41
C PRO E 107 3.18 7.20 28.59
N PHE E 108 3.20 6.52 29.73
CA PHE E 108 4.11 6.89 30.82
C PHE E 108 4.65 5.66 31.52
N ASP E 109 5.08 4.67 30.74
CA ASP E 109 5.51 3.40 31.32
C ASP E 109 6.71 3.58 32.25
N PHE E 110 7.69 4.39 31.84
CA PHE E 110 8.98 4.46 32.52
C PHE E 110 9.30 5.89 32.90
N TRP E 111 9.65 6.10 34.16
CA TRP E 111 10.19 7.36 34.65
C TRP E 111 11.67 7.19 34.96
N GLY E 112 12.41 8.31 34.88
CA GLY E 112 13.80 8.33 35.27
C GLY E 112 13.97 8.46 36.77
N GLN E 113 15.24 8.52 37.20
CA GLN E 113 15.54 8.63 38.62
C GLN E 113 15.57 10.08 39.09
N GLY E 114 15.58 11.05 38.17
CA GLY E 114 15.50 12.45 38.52
C GLY E 114 16.85 13.07 38.83
N THR E 115 16.87 14.41 38.84
CA THR E 115 18.05 15.18 39.19
C THR E 115 17.61 16.44 39.92
N THR E 116 18.35 16.80 40.96
CA THR E 116 17.94 17.89 41.85
C THR E 116 18.51 19.22 41.39
N LEU E 117 17.69 20.27 41.49
CA LEU E 117 18.12 21.64 41.23
C LEU E 117 17.64 22.52 42.37
N THR E 118 18.55 23.28 42.95
CA THR E 118 18.25 24.19 44.04
C THR E 118 18.50 25.62 43.58
N VAL E 119 17.61 26.53 43.99
CA VAL E 119 17.72 27.95 43.66
C VAL E 119 17.63 28.73 44.97
N SER E 120 18.55 29.68 45.14
CA SER E 120 18.56 30.49 46.34
C SER E 120 17.32 31.37 46.41
N SER E 121 17.11 31.99 47.57
CA SER E 121 15.97 32.86 47.79
C SER E 121 16.32 34.30 47.41
N SER E 136 -9.17 27.69 32.83
CA SER E 136 -8.39 27.24 31.69
C SER E 136 -7.79 25.87 31.95
N ASP E 137 -6.64 25.84 32.62
CA ASP E 137 -5.99 24.58 32.94
C ASP E 137 -6.86 23.76 33.87
N ILE E 138 -6.94 22.45 33.61
CA ILE E 138 -7.75 21.57 34.43
C ILE E 138 -7.12 21.45 35.81
N VAL E 139 -7.94 21.58 36.85
CA VAL E 139 -7.50 21.46 38.23
C VAL E 139 -8.00 20.14 38.78
N MET E 140 -7.11 19.38 39.40
CA MET E 140 -7.44 18.10 40.01
C MET E 140 -7.05 18.13 41.48
N THR E 141 -7.94 17.68 42.33
CA THR E 141 -7.77 17.74 43.78
C THR E 141 -7.77 16.33 44.37
N GLN E 142 -6.83 16.09 45.28
CA GLN E 142 -6.78 14.85 46.04
C GLN E 142 -7.43 15.07 47.39
N ALA E 143 -8.48 14.29 47.68
CA ALA E 143 -9.31 14.55 48.86
C ALA E 143 -8.51 14.57 50.15
N THR E 144 -7.46 13.75 50.23
CA THR E 144 -6.66 13.62 51.45
C THR E 144 -5.19 13.67 51.09
N SER E 145 -4.35 13.65 52.13
CA SER E 145 -2.90 13.63 51.96
C SER E 145 -2.21 12.60 52.83
N SER E 146 -2.90 11.92 53.75
CA SER E 146 -2.30 10.89 54.59
C SER E 146 -3.41 9.98 55.10
N VAL E 147 -3.16 8.67 55.02
CA VAL E 147 -4.17 7.68 55.42
C VAL E 147 -3.47 6.52 56.11
N PRO E 148 -3.64 6.34 57.42
CA PRO E 148 -3.06 5.16 58.08
C PRO E 148 -3.69 3.88 57.59
N VAL E 149 -2.89 2.81 57.53
CA VAL E 149 -3.37 1.49 57.15
C VAL E 149 -2.33 0.47 57.55
N THR E 150 -2.76 -0.79 57.72
CA THR E 150 -1.89 -1.90 58.03
C THR E 150 -1.86 -2.89 56.87
N PRO E 151 -0.78 -3.68 56.74
CA PRO E 151 -0.73 -4.65 55.65
C PRO E 151 -1.91 -5.61 55.69
N GLY E 152 -2.41 -5.97 54.51
CA GLY E 152 -3.54 -6.87 54.39
C GLY E 152 -4.89 -6.18 54.35
N GLU E 153 -4.94 -4.88 54.60
CA GLU E 153 -6.19 -4.12 54.58
C GLU E 153 -6.27 -3.33 53.28
N SER E 154 -7.34 -3.53 52.53
CA SER E 154 -7.50 -2.87 51.25
C SER E 154 -7.61 -1.36 51.43
N VAL E 155 -7.07 -0.62 50.46
CA VAL E 155 -7.06 0.83 50.49
C VAL E 155 -7.75 1.36 49.23
N SER E 156 -8.27 2.57 49.32
CA SER E 156 -8.95 3.23 48.21
C SER E 156 -8.55 4.69 48.19
N ILE E 157 -7.64 5.05 47.28
CA ILE E 157 -7.28 6.43 47.04
C ILE E 157 -8.29 7.00 46.05
N SER E 158 -8.44 8.33 46.05
CA SER E 158 -9.38 8.95 45.13
C SER E 158 -8.93 10.37 44.83
N CYS E 159 -9.38 10.88 43.68
CA CYS E 159 -9.18 12.28 43.35
C CYS E 159 -10.26 12.74 42.36
N ARG E 160 -10.48 14.05 42.33
CA ARG E 160 -11.51 14.68 41.52
C ARG E 160 -10.86 15.58 40.49
N SER E 161 -11.57 15.80 39.38
CA SER E 161 -11.11 16.63 38.29
C SER E 161 -12.16 17.67 37.95
N SER E 162 -11.73 18.72 37.25
CA SER E 162 -12.64 19.81 36.90
C SER E 162 -13.56 19.42 35.74
N LYS E 163 -12.98 19.13 34.58
CA LYS E 163 -13.76 18.73 33.42
C LYS E 163 -13.92 17.22 33.39
N SER E 164 -14.59 16.73 32.34
CA SER E 164 -14.72 15.31 32.08
C SER E 164 -13.52 14.87 31.24
N LEU E 165 -12.64 14.07 31.83
CA LEU E 165 -11.51 13.54 31.08
C LEU E 165 -11.95 12.56 30.00
N LEU E 166 -13.18 12.07 30.07
CA LEU E 166 -13.72 11.18 29.05
C LEU E 166 -13.87 11.93 27.72
N HIS E 167 -13.03 11.59 26.75
CA HIS E 167 -13.08 12.21 25.43
C HIS E 167 -14.04 11.46 24.52
N SER E 168 -14.25 12.00 23.32
CA SER E 168 -15.09 11.34 22.33
C SER E 168 -14.53 9.98 21.93
N ASN E 169 -13.23 9.75 22.10
CA ASN E 169 -12.66 8.45 21.80
C ASN E 169 -13.19 7.35 22.71
N GLY E 170 -13.80 7.72 23.83
CA GLY E 170 -14.10 6.77 24.88
C GLY E 170 -12.99 6.57 25.88
N ASN E 171 -11.85 7.24 25.71
CA ASN E 171 -10.72 7.13 26.60
C ASN E 171 -10.82 8.21 27.68
N THR E 172 -10.78 7.80 28.94
CA THR E 172 -10.73 8.72 30.06
C THR E 172 -9.26 8.90 30.42
N TYR E 173 -8.66 9.97 29.91
CA TYR E 173 -7.22 10.16 30.02
C TYR E 173 -6.80 10.58 31.42
N LEU E 174 -7.03 9.71 32.39
CA LEU E 174 -6.53 9.90 33.74
C LEU E 174 -5.53 8.80 34.05
N TYR E 175 -4.41 9.18 34.65
CA TYR E 175 -3.30 8.28 34.89
C TYR E 175 -3.19 8.04 36.40
N TRP E 176 -2.33 7.09 36.78
CA TRP E 176 -2.14 6.79 38.20
C TRP E 176 -0.70 6.32 38.38
N PHE E 177 0.09 7.14 39.07
CA PHE E 177 1.46 6.81 39.44
C PHE E 177 1.58 6.63 40.95
N LEU E 178 2.59 5.88 41.36
CA LEU E 178 2.92 5.73 42.78
C LEU E 178 4.40 6.03 42.96
N GLN E 179 4.70 6.95 43.86
CA GLN E 179 6.08 7.33 44.19
C GLN E 179 6.40 6.74 45.56
N ARG E 180 7.30 5.75 45.59
CA ARG E 180 7.71 5.12 46.83
C ARG E 180 8.77 5.96 47.53
N PRO E 181 8.90 5.84 48.85
CA PRO E 181 9.91 6.63 49.57
C PRO E 181 11.29 6.54 48.97
N GLY E 182 11.86 7.68 48.58
CA GLY E 182 13.25 7.73 48.15
C GLY E 182 13.52 7.20 46.77
N GLN E 183 12.50 7.06 45.93
CA GLN E 183 12.68 6.60 44.55
C GLN E 183 11.66 7.27 43.64
N SER E 184 11.96 7.26 42.35
CA SER E 184 11.19 8.02 41.39
C SER E 184 9.80 7.41 41.21
N PRO E 185 8.85 8.17 40.67
CA PRO E 185 7.48 7.66 40.52
C PRO E 185 7.44 6.47 39.57
N GLN E 186 6.41 5.64 39.76
CA GLN E 186 6.20 4.46 38.95
C GLN E 186 4.77 4.44 38.45
N LEU E 187 4.60 4.16 37.17
CA LEU E 187 3.26 4.07 36.60
C LEU E 187 2.52 2.87 37.14
N LEU E 188 1.24 3.07 37.43
CA LEU E 188 0.35 1.99 37.81
C LEU E 188 -0.78 1.80 36.82
N ILE E 189 -1.46 2.87 36.43
CA ILE E 189 -2.57 2.81 35.49
C ILE E 189 -2.37 3.89 34.44
N TYR E 190 -2.67 3.56 33.18
CA TYR E 190 -2.45 4.53 32.10
C TYR E 190 -3.71 4.99 31.38
N ARG E 191 -4.84 4.30 31.47
CA ARG E 191 -6.09 5.03 31.23
C ARG E 191 -7.12 4.85 32.35
N MET E 192 -7.61 3.62 32.54
CA MET E 192 -8.62 3.33 33.54
C MET E 192 -8.55 1.83 33.83
N SER E 193 -7.95 1.47 34.96
CA SER E 193 -7.75 0.08 35.38
C SER E 193 -6.75 -0.64 34.49
N ASN E 194 -6.23 -0.01 33.43
CA ASN E 194 -5.33 -0.68 32.50
C ASN E 194 -3.95 -0.76 33.16
N LEU E 195 -3.75 -1.86 33.88
CA LEU E 195 -2.51 -2.04 34.63
C LEU E 195 -1.31 -2.02 33.69
N ALA E 196 -0.23 -1.40 34.15
CA ALA E 196 0.99 -1.30 33.37
C ALA E 196 1.71 -2.64 33.34
N SER E 197 2.88 -2.67 32.70
CA SER E 197 3.68 -3.87 32.56
C SER E 197 4.61 -3.99 33.77
N GLY E 198 4.51 -5.10 34.49
CA GLY E 198 5.34 -5.35 35.66
C GLY E 198 4.70 -5.00 36.98
N VAL E 199 3.47 -4.50 36.98
CA VAL E 199 2.79 -4.09 38.21
C VAL E 199 1.97 -5.26 38.72
N PRO E 200 1.93 -5.52 40.03
CA PRO E 200 1.09 -6.62 40.54
C PRO E 200 -0.37 -6.37 40.23
N ASP E 201 -1.11 -7.47 40.03
CA ASP E 201 -2.50 -7.40 39.63
C ASP E 201 -3.42 -6.83 40.70
N ARG E 202 -2.94 -6.68 41.94
CA ARG E 202 -3.82 -6.18 43.00
C ARG E 202 -4.27 -4.75 42.72
N PHE E 203 -3.37 -3.90 42.23
CA PHE E 203 -3.74 -2.53 41.93
C PHE E 203 -4.81 -2.49 40.85
N SER E 204 -5.84 -1.67 41.05
CA SER E 204 -6.90 -1.47 40.08
C SER E 204 -7.32 -0.02 40.08
N GLY E 205 -7.90 0.43 38.97
CA GLY E 205 -8.40 1.77 38.85
C GLY E 205 -9.83 1.78 38.36
N SER E 206 -10.50 2.91 38.57
CA SER E 206 -11.86 3.09 38.09
C SER E 206 -12.24 4.56 38.30
N GLY E 207 -13.45 4.91 37.89
CA GLY E 207 -13.95 6.25 38.04
C GLY E 207 -14.94 6.56 36.93
N SER E 208 -15.45 7.80 36.93
CA SER E 208 -16.42 8.20 35.91
C SER E 208 -16.40 9.72 35.81
N GLY E 209 -15.84 10.23 34.71
CA GLY E 209 -15.93 11.64 34.38
C GLY E 209 -15.07 12.55 35.23
N THR E 210 -15.40 12.69 36.50
CA THR E 210 -14.70 13.62 37.39
C THR E 210 -14.17 12.95 38.65
N ALA E 211 -14.92 12.01 39.22
CA ALA E 211 -14.50 11.29 40.42
C ALA E 211 -13.81 10.01 40.01
N PHE E 212 -12.58 9.80 40.50
CA PHE E 212 -11.77 8.66 40.11
C PHE E 212 -11.13 8.04 41.34
N THR E 213 -10.98 6.71 41.32
CA THR E 213 -10.52 5.96 42.47
C THR E 213 -9.50 4.91 42.06
N LEU E 214 -8.56 4.64 42.95
CA LEU E 214 -7.56 3.60 42.81
C LEU E 214 -7.67 2.65 44.00
N THR E 215 -7.91 1.38 43.74
CA THR E 215 -8.15 0.38 44.77
C THR E 215 -6.96 -0.56 44.86
N ILE E 216 -6.57 -0.90 46.09
CA ILE E 216 -5.47 -1.82 46.35
C ILE E 216 -5.99 -2.89 47.29
N SER E 217 -5.97 -4.14 46.84
CA SER E 217 -6.33 -5.27 47.67
C SER E 217 -5.08 -5.98 48.15
N ARG E 218 -5.08 -6.39 49.41
CA ARG E 218 -3.94 -7.09 50.01
C ARG E 218 -2.68 -6.22 49.94
N LEU E 219 -2.77 -5.08 50.62
CA LEU E 219 -1.66 -4.13 50.63
C LEU E 219 -0.42 -4.78 51.22
N GLU E 220 0.73 -4.44 50.65
CA GLU E 220 2.02 -5.00 51.07
C GLU E 220 2.95 -3.87 51.49
N ALA E 221 4.13 -4.25 52.00
CA ALA E 221 5.06 -3.27 52.56
C ALA E 221 5.65 -2.35 51.50
N GLU E 222 5.67 -2.79 50.24
CA GLU E 222 6.22 -1.98 49.16
C GLU E 222 5.20 -1.03 48.55
N ASP E 223 3.96 -1.02 49.05
CA ASP E 223 2.92 -0.15 48.52
C ASP E 223 2.81 1.18 49.25
N VAL E 224 3.71 1.46 50.19
CA VAL E 224 3.68 2.73 50.92
C VAL E 224 4.36 3.81 50.08
N GLY E 225 3.78 5.00 50.10
CA GLY E 225 4.28 6.11 49.34
C GLY E 225 3.17 7.10 49.02
N VAL E 226 3.39 7.89 47.98
CA VAL E 226 2.45 8.92 47.56
C VAL E 226 1.82 8.51 46.25
N TYR E 227 0.49 8.54 46.19
CA TYR E 227 -0.24 8.26 44.97
C TYR E 227 -0.60 9.55 44.27
N TYR E 228 -0.33 9.58 42.95
CA TYR E 228 -0.51 10.77 42.13
C TYR E 228 -1.45 10.43 40.98
N CYS E 229 -2.43 11.30 40.73
CA CYS E 229 -3.29 11.19 39.57
C CYS E 229 -3.05 12.40 38.67
N MET E 230 -2.71 12.14 37.42
CA MET E 230 -2.48 13.15 36.41
C MET E 230 -3.51 13.00 35.29
N GLN E 231 -3.64 14.03 34.47
CA GLN E 231 -4.52 13.99 33.32
C GLN E 231 -3.73 14.32 32.05
N HIS E 232 -4.16 13.72 30.93
CA HIS E 232 -3.51 13.91 29.65
C HIS E 232 -4.49 14.40 28.58
N LEU E 233 -5.73 14.72 28.96
CA LEU E 233 -6.72 15.12 27.96
C LEU E 233 -6.29 16.38 27.23
N GLU E 234 -5.79 17.37 27.97
CA GLU E 234 -5.38 18.63 27.38
C GLU E 234 -4.10 19.09 28.04
N TYR E 235 -3.30 19.87 27.31
CA TYR E 235 -2.13 20.46 27.92
C TYR E 235 -2.48 21.84 28.49
N PRO E 236 -1.78 22.31 29.54
CA PRO E 236 -0.66 21.64 30.19
C PRO E 236 -1.09 20.47 31.08
N LEU E 237 -0.23 19.47 31.23
CA LEU E 237 -0.52 18.34 32.08
C LEU E 237 -0.47 18.76 33.54
N THR E 238 -1.50 18.38 34.31
CA THR E 238 -1.63 18.78 35.70
C THR E 238 -1.67 17.54 36.58
N PHE E 239 -0.77 17.48 37.56
CA PHE E 239 -0.77 16.43 38.56
C PHE E 239 -1.66 16.83 39.74
N GLY E 240 -1.76 15.92 40.71
CA GLY E 240 -2.42 16.20 41.96
C GLY E 240 -1.42 16.53 43.07
N ALA E 241 -1.97 16.85 44.24
CA ALA E 241 -1.13 17.15 45.39
C ALA E 241 -0.30 15.95 45.80
N GLY E 242 -0.92 14.77 45.86
CA GLY E 242 -0.25 13.56 46.28
C GLY E 242 -0.81 13.00 47.57
N THR E 243 -1.45 11.84 47.51
CA THR E 243 -2.07 11.23 48.67
C THR E 243 -1.11 10.22 49.28
N LYS E 244 -0.67 10.49 50.52
CA LYS E 244 0.33 9.66 51.19
C LYS E 244 -0.36 8.50 51.90
N LEU E 245 0.33 7.37 51.97
CA LEU E 245 -0.12 6.21 52.72
C LEU E 245 0.82 5.97 53.89
N GLU E 246 0.25 5.87 55.09
CA GLU E 246 1.00 5.65 56.31
C GLU E 246 0.85 4.20 56.76
N LEU E 247 1.75 3.77 57.64
CA LEU E 247 1.74 2.41 58.15
C LEU E 247 2.26 2.38 59.58
C5' NEC F . -2.69 35.71 -26.23
O5' NEC F . -2.20 36.03 -27.26
N5' NEC F . -1.86 35.09 -25.20
C51 NEC F . -0.45 34.88 -25.45
C52 NEC F . 0.00 33.58 -24.79
C4' NEC F . -4.15 35.94 -25.98
O4' NEC F . -4.42 37.37 -25.95
C3' NEC F . -4.97 35.35 -27.08
O3' NEC F . -5.70 34.23 -26.61
C2' NEC F . -5.91 36.40 -27.55
O2' NEC F . -7.23 36.06 -27.15
C1' NEC F . -5.49 37.69 -26.90
N9 NEC F . -5.02 38.62 -27.87
C8 NEC F . -3.80 38.65 -28.15
N7 NEC F . -3.65 39.60 -29.07
C5 NEC F . -5.01 40.22 -29.34
C6 NEC F . -5.68 41.18 -30.10
N6 NEC F . -4.92 42.01 -31.02
N1 NEC F . -6.97 41.34 -29.97
C2 NEC F . -7.68 40.62 -29.14
N3 NEC F . -7.16 39.67 -28.39
C4 NEC F . -5.86 39.42 -28.42
#